data_4P2O
#
_entry.id   4P2O
#
_cell.length_a   239.936
_cell.length_b   60.176
_cell.length_c   78.359
_cell.angle_alpha   90.00
_cell.angle_beta   104.33
_cell.angle_gamma   90.00
#
_symmetry.space_group_name_H-M   'C 1 2 1'
#
loop_
_entity.id
_entity.type
_entity.pdbx_description
1 polymer 'H-2 class II histocompatibility antigen, E-K alpha chain'
2 polymer 'MHC class II E-beta-k'
3 polymer '2B4 T-cell receptor alpha chain'
4 polymer '2B4 T-cell receptor beta chain'
5 polymer '2A peptide'
6 branched alpha-L-fucopyranose-(1-3)-[2-acetamido-2-deoxy-beta-D-glucopyranose-(1-4)][alpha-L-fucopyranose-(1-6)]2-acetamido-2-deoxy-beta-D-glucopyranose
7 non-polymer 2-acetamido-2-deoxy-beta-D-glucopyranose
8 water water
#
loop_
_entity_poly.entity_id
_entity_poly.type
_entity_poly.pdbx_seq_one_letter_code
_entity_poly.pdbx_strand_id
1 'polypeptide(L)'
;ADPIKEEHTIIQAEFYLLPDKRGEFMFDFDGDEIFHVDIEKSETIWRLEEFAKFASFEAQGALANIAVDKANLDVMKERS
NNTPDANVAPEVTVLSRSPVNLGEPNILICFIDKFSPPVVNVTWLRNGRPVTEGVSETVFLPRDDHLFRKFHYLTFLPST
DDFYDCEVDHWGLEEPLRKHWEFEEKTLLPETKESRGGLEVLFQ
;
A
2 'polypeptide(L)'
;ADPADPLAFFSSAIKGGGGSLVPRGSGGGGSRPWFLEYCKSECHFYNGTQRVRLLVRYFYNLEENLRFDSDVGEFRAVTE
LGRPDAENWNSQPEFLEQKRAEVDTVCRHNYEIFDNFLVPRRVEPTVTVYPTKTQPLEHHNLLVCSVSDFYPGNIEVRWF
RNGKEEKTGIVSTGLVRNGDWTFQTLVMLETVPQSGEVYTCQVEHPSLTDPVTVEWKAQSTSAQNKSRGGLEVLFQ
;
B
3 'polypeptide(L)'
;ADPGRGDQVEQSPSALSLHEGTGSALRCNFTTTMRAVQWFQQNSRGSLINLFYLASGTKENGRLKSTFNSKESYSTLHIR
DAQLEDSGTYFCAALRATGGNNKLTFGQGTVLSVIPDIQNPDPAVYQLRDSKSSDKSVCLFTDFDSQTNVSQSKDSDVYI
TDKCVLDMRSMDFKSNSAVAWSNKSDFACANAFNNSIIPEDTFFPSPESSSRGGLEVLFQ
;
C
4 'polypeptide(L)'
;ADPKVIQTPRYLVKGQGQKAKMRCIPEKGHPVVFWYQQNKNNEFKFLINFQNQEVLQQIDMTEKRFSAECPSNSPCSLEI
QSSEAGDSALYLCASSLNWSQDTQYFGPGTRLLVLEDLKNVFPPEVAVFEPSEAEISHTQKATLVCLATGFYPDHVELSW
WVNGKEVHSGVCTDPQPLKEQPALNDSRYALSSRLRVSATFWQNPRNHFRCQVQFYGLSENDEWTQDRAKPVTQIVSAEA
WGRADSRGGLEVLFQ
;
D
5 'polypeptide(L)' ADPADPLAFFSSAIKGGGGSLV P
#
loop_
_chem_comp.id
_chem_comp.type
_chem_comp.name
_chem_comp.formula
FUC L-saccharide, alpha linking alpha-L-fucopyranose 'C6 H12 O5'
NAG D-saccharide, beta linking 2-acetamido-2-deoxy-beta-D-glucopyranose 'C8 H15 N O6'
#
# COMPACT_ATOMS: atom_id res chain seq x y z
N ILE A 4 11.63 -26.48 -27.60
CA ILE A 4 10.52 -26.30 -26.66
C ILE A 4 10.09 -24.84 -26.58
N LYS A 5 8.79 -24.60 -26.49
CA LYS A 5 8.25 -23.26 -26.43
C LYS A 5 6.93 -23.24 -25.66
N GLU A 6 6.85 -22.36 -24.67
CA GLU A 6 5.65 -22.26 -23.84
C GLU A 6 4.93 -20.93 -24.07
N GLU A 7 3.84 -20.98 -24.83
CA GLU A 7 3.04 -19.80 -25.12
C GLU A 7 1.74 -19.83 -24.35
N HIS A 8 1.53 -18.82 -23.50
CA HIS A 8 0.33 -18.75 -22.68
C HIS A 8 -0.15 -17.32 -22.50
N THR A 9 -1.44 -17.17 -22.21
CA THR A 9 -2.03 -15.86 -22.02
C THR A 9 -2.88 -15.82 -20.75
N ILE A 10 -2.34 -15.24 -19.69
CA ILE A 10 -3.05 -15.09 -18.43
C ILE A 10 -3.78 -13.75 -18.41
N ILE A 11 -5.07 -13.79 -18.10
CA ILE A 11 -5.90 -12.59 -18.15
C ILE A 11 -6.69 -12.38 -16.86
N GLN A 12 -6.55 -11.19 -16.28
CA GLN A 12 -7.43 -10.76 -15.20
C GLN A 12 -8.59 -9.97 -15.80
N ALA A 13 -9.81 -10.39 -15.50
CA ALA A 13 -10.99 -9.78 -16.11
C ALA A 13 -12.03 -9.38 -15.06
N GLU A 14 -12.32 -8.10 -14.99
CA GLU A 14 -13.27 -7.58 -14.02
C GLU A 14 -14.20 -6.55 -14.66
N PHE A 15 -15.42 -6.44 -14.11
CA PHE A 15 -16.35 -5.44 -14.59
C PHE A 15 -17.38 -5.03 -13.53
N TYR A 16 -18.09 -3.95 -13.79
CA TYR A 16 -19.22 -3.54 -12.96
C TYR A 16 -20.39 -3.13 -13.85
N LEU A 17 -21.58 -3.61 -13.54
CA LEU A 17 -22.73 -3.45 -14.43
C LEU A 17 -23.88 -2.70 -13.77
N LEU A 18 -24.42 -1.73 -14.50
CA LEU A 18 -25.63 -1.00 -14.09
C LEU A 18 -26.74 -1.26 -15.09
N PRO A 19 -28.01 -1.25 -14.64
CA PRO A 19 -28.45 -0.95 -13.28
C PRO A 19 -28.49 -2.20 -12.39
N ASP A 20 -27.88 -3.29 -12.83
CA ASP A 20 -27.87 -4.52 -12.06
C ASP A 20 -27.08 -4.39 -10.76
N LYS A 21 -26.15 -3.44 -10.74
CA LYS A 21 -25.25 -3.23 -9.60
C LYS A 21 -24.50 -4.51 -9.25
N ARG A 22 -24.04 -5.21 -10.27
CA ARG A 22 -23.31 -6.46 -10.04
C ARG A 22 -21.91 -6.39 -10.65
N GLY A 23 -20.92 -6.81 -9.88
CA GLY A 23 -19.54 -6.82 -10.33
C GLY A 23 -18.96 -8.22 -10.31
N GLU A 24 -17.97 -8.46 -11.16
CA GLU A 24 -17.28 -9.74 -11.21
C GLU A 24 -15.78 -9.56 -11.35
N PHE A 25 -15.04 -10.62 -11.02
CA PHE A 25 -13.59 -10.57 -10.99
C PHE A 25 -13.08 -11.99 -11.17
N MET A 26 -12.30 -12.22 -12.22
CA MET A 26 -11.81 -13.58 -12.48
C MET A 26 -10.45 -13.58 -13.18
N PHE A 27 -9.76 -14.70 -13.10
CA PHE A 27 -8.52 -14.92 -13.82
C PHE A 27 -8.72 -15.97 -14.91
N ASP A 28 -8.05 -15.77 -16.05
CA ASP A 28 -8.17 -16.69 -17.17
C ASP A 28 -6.81 -17.24 -17.58
N PHE A 29 -6.76 -18.53 -17.91
CA PHE A 29 -5.52 -19.14 -18.37
C PHE A 29 -5.77 -19.88 -19.68
N ASP A 30 -5.27 -19.32 -20.77
CA ASP A 30 -5.38 -19.91 -22.11
C ASP A 30 -6.83 -20.22 -22.49
N GLY A 31 -7.76 -19.44 -21.95
CA GLY A 31 -9.17 -19.59 -22.28
C GLY A 31 -9.99 -20.18 -21.17
N ASP A 32 -9.33 -20.77 -20.17
CA ASP A 32 -10.02 -21.39 -19.05
C ASP A 32 -9.96 -20.53 -17.79
N GLU A 33 -11.00 -20.62 -16.98
CA GLU A 33 -11.06 -19.88 -15.72
C GLU A 33 -10.15 -20.53 -14.67
N ILE A 34 -9.32 -19.71 -14.04
CA ILE A 34 -8.51 -20.19 -12.92
C ILE A 34 -9.32 -20.10 -11.66
N PHE A 35 -9.88 -18.92 -11.43
CA PHE A 35 -10.75 -18.68 -10.28
C PHE A 35 -11.55 -17.41 -10.49
N HIS A 36 -12.54 -17.21 -9.62
CA HIS A 36 -13.23 -15.92 -9.56
C HIS A 36 -13.50 -15.59 -8.10
N VAL A 37 -13.72 -14.31 -7.81
CA VAL A 37 -14.02 -13.89 -6.45
C VAL A 37 -15.51 -13.64 -6.27
N ASP A 38 -16.11 -14.31 -5.30
CA ASP A 38 -17.48 -13.99 -4.91
C ASP A 38 -17.46 -12.64 -4.21
N ILE A 39 -17.96 -11.61 -4.89
CA ILE A 39 -17.88 -10.25 -4.39
C ILE A 39 -18.69 -10.04 -3.10
N GLU A 40 -19.89 -10.61 -3.05
CA GLU A 40 -20.77 -10.44 -1.90
C GLU A 40 -20.26 -11.17 -0.66
N LYS A 41 -19.43 -12.19 -0.87
CA LYS A 41 -18.94 -12.99 0.25
C LYS A 41 -17.44 -12.84 0.47
N SER A 42 -16.78 -12.14 -0.45
CA SER A 42 -15.34 -11.89 -0.37
C SER A 42 -14.54 -13.18 -0.21
N GLU A 43 -14.79 -14.15 -1.07
CA GLU A 43 -14.05 -15.41 -1.03
C GLU A 43 -13.59 -15.82 -2.43
N THR A 44 -12.42 -16.45 -2.49
CA THR A 44 -11.85 -16.92 -3.73
C THR A 44 -12.41 -18.29 -4.11
N ILE A 45 -12.95 -18.39 -5.32
CA ILE A 45 -13.58 -19.62 -5.79
C ILE A 45 -12.81 -20.22 -6.96
N TRP A 46 -12.06 -21.29 -6.70
CA TRP A 46 -11.26 -21.92 -7.74
C TRP A 46 -12.11 -22.77 -8.67
N ARG A 47 -11.76 -22.77 -9.96
CA ARG A 47 -12.48 -23.56 -10.94
C ARG A 47 -12.32 -25.05 -10.66
N LEU A 48 -11.09 -25.47 -10.44
CA LEU A 48 -10.81 -26.83 -9.99
C LEU A 48 -10.23 -26.77 -8.58
N GLU A 49 -10.81 -27.56 -7.68
CA GLU A 49 -10.46 -27.53 -6.27
C GLU A 49 -8.97 -27.73 -6.00
N GLU A 50 -8.33 -28.55 -6.82
CA GLU A 50 -6.91 -28.86 -6.68
C GLU A 50 -6.03 -27.61 -6.76
N PHE A 51 -6.52 -26.58 -7.45
CA PHE A 51 -5.77 -25.34 -7.64
C PHE A 51 -5.39 -24.68 -6.32
N ALA A 52 -6.20 -24.92 -5.29
CA ALA A 52 -6.04 -24.25 -4.00
C ALA A 52 -4.77 -24.67 -3.27
N LYS A 53 -4.20 -25.81 -3.65
CA LYS A 53 -2.98 -26.28 -3.00
C LYS A 53 -1.76 -25.57 -3.55
N PHE A 54 -1.92 -24.94 -4.71
CA PHE A 54 -0.78 -24.32 -5.39
C PHE A 54 -0.79 -22.80 -5.27
N ALA A 55 -1.98 -22.20 -5.29
CA ALA A 55 -2.07 -20.75 -5.26
C ALA A 55 -3.17 -20.27 -4.31
N SER A 56 -3.13 -18.98 -4.00
CA SER A 56 -4.15 -18.35 -3.16
C SER A 56 -4.32 -16.89 -3.56
N PHE A 57 -5.49 -16.34 -3.28
CA PHE A 57 -5.75 -14.94 -3.59
C PHE A 57 -6.53 -14.26 -2.48
N GLU A 58 -6.02 -13.10 -2.03
CA GLU A 58 -6.73 -12.31 -1.02
C GLU A 58 -7.94 -11.64 -1.66
N ALA A 59 -9.11 -12.19 -1.37
CA ALA A 59 -10.34 -11.80 -2.05
C ALA A 59 -10.73 -10.34 -1.86
N GLN A 60 -10.27 -9.71 -0.78
CA GLN A 60 -10.65 -8.32 -0.50
C GLN A 60 -10.02 -7.38 -1.52
N GLY A 61 -8.96 -7.85 -2.18
CA GLY A 61 -8.32 -7.08 -3.23
C GLY A 61 -9.27 -6.85 -4.39
N ALA A 62 -10.07 -7.86 -4.70
CA ALA A 62 -11.05 -7.75 -5.78
C ALA A 62 -12.20 -6.83 -5.39
N LEU A 63 -12.59 -6.86 -4.12
CA LEU A 63 -13.66 -6.02 -3.63
C LEU A 63 -13.32 -4.55 -3.81
N ALA A 64 -12.06 -4.21 -3.54
CA ALA A 64 -11.58 -2.85 -3.70
C ALA A 64 -11.63 -2.42 -5.17
N ASN A 65 -11.16 -3.29 -6.06
CA ASN A 65 -11.19 -3.01 -7.49
C ASN A 65 -12.60 -2.73 -8.00
N ILE A 66 -13.55 -3.55 -7.57
CA ILE A 66 -14.95 -3.37 -7.96
C ILE A 66 -15.48 -2.04 -7.45
N ALA A 67 -15.06 -1.65 -6.24
CA ALA A 67 -15.43 -0.35 -5.69
C ALA A 67 -14.87 0.78 -6.57
N VAL A 68 -13.66 0.61 -7.06
CA VAL A 68 -13.04 1.60 -7.93
C VAL A 68 -13.69 1.58 -9.32
N ASP A 69 -14.03 0.38 -9.80
CA ASP A 69 -14.71 0.23 -11.08
C ASP A 69 -16.11 0.83 -11.03
N LYS A 70 -16.79 0.64 -9.91
CA LYS A 70 -18.13 1.19 -9.72
C LYS A 70 -18.13 2.72 -9.82
N ALA A 71 -17.11 3.33 -9.24
CA ALA A 71 -16.97 4.79 -9.27
C ALA A 71 -16.58 5.27 -10.66
N ASN A 72 -15.69 4.53 -11.31
CA ASN A 72 -15.27 4.85 -12.68
C ASN A 72 -16.44 4.78 -13.65
N LEU A 73 -17.35 3.83 -13.43
CA LEU A 73 -18.52 3.68 -14.29
C LEU A 73 -19.37 4.95 -14.29
N ASP A 74 -19.50 5.58 -13.12
CA ASP A 74 -20.23 6.84 -13.01
C ASP A 74 -19.52 7.94 -13.79
N VAL A 75 -18.20 7.91 -13.78
CA VAL A 75 -17.41 8.84 -14.57
C VAL A 75 -17.63 8.60 -16.06
N MET A 76 -17.65 7.33 -16.45
CA MET A 76 -17.88 6.94 -17.85
C MET A 76 -19.30 7.28 -18.30
N LYS A 77 -20.24 7.26 -17.36
CA LYS A 77 -21.62 7.62 -17.68
C LYS A 77 -21.76 9.12 -17.95
N GLU A 78 -21.09 9.93 -17.12
CA GLU A 78 -21.14 11.38 -17.29
C GLU A 78 -20.40 11.84 -18.54
N ARG A 79 -19.35 11.11 -18.90
CA ARG A 79 -18.50 11.51 -20.01
C ARG A 79 -19.21 11.37 -21.37
N SER A 80 -20.14 10.44 -21.48
CA SER A 80 -20.82 10.18 -22.75
C SER A 80 -22.33 10.37 -22.65
N ALA A 86 -27.08 -0.44 -27.94
CA ALA A 86 -27.94 -1.59 -28.20
C ALA A 86 -27.41 -2.85 -27.51
N ASN A 87 -28.17 -3.94 -27.60
CA ASN A 87 -27.76 -5.20 -27.00
C ASN A 87 -27.28 -6.20 -28.04
N VAL A 88 -26.46 -7.15 -27.61
CA VAL A 88 -25.94 -8.18 -28.52
C VAL A 88 -26.49 -9.56 -28.14
N ALA A 89 -27.26 -10.15 -29.05
CA ALA A 89 -27.86 -11.46 -28.83
C ALA A 89 -26.80 -12.56 -28.78
N PRO A 90 -27.01 -13.56 -27.90
CA PRO A 90 -26.07 -14.66 -27.71
C PRO A 90 -26.23 -15.80 -28.71
N GLU A 91 -25.13 -16.51 -28.99
CA GLU A 91 -25.19 -17.79 -29.69
C GLU A 91 -25.28 -18.90 -28.67
N VAL A 92 -26.25 -19.79 -28.83
CA VAL A 92 -26.43 -20.88 -27.88
C VAL A 92 -26.21 -22.24 -28.52
N THR A 93 -25.21 -22.95 -28.03
CA THR A 93 -24.87 -24.29 -28.54
C THR A 93 -25.02 -25.32 -27.43
N VAL A 94 -25.77 -26.38 -27.71
CA VAL A 94 -25.99 -27.44 -26.72
C VAL A 94 -25.33 -28.73 -27.16
N LEU A 95 -24.36 -29.20 -26.37
CA LEU A 95 -23.64 -30.41 -26.68
C LEU A 95 -23.31 -31.23 -25.44
N SER A 96 -22.92 -32.48 -25.64
CA SER A 96 -22.50 -33.33 -24.54
C SER A 96 -21.00 -33.17 -24.29
N ARG A 97 -20.60 -33.37 -23.04
CA ARG A 97 -19.19 -33.25 -22.66
C ARG A 97 -18.40 -34.45 -23.16
N SER A 98 -18.98 -35.63 -23.02
CA SER A 98 -18.37 -36.88 -23.48
C SER A 98 -19.31 -37.58 -24.46
N PRO A 99 -18.77 -38.51 -25.26
CA PRO A 99 -19.61 -39.34 -26.12
C PRO A 99 -20.73 -40.01 -25.32
N VAL A 100 -21.94 -39.99 -25.87
CA VAL A 100 -23.12 -40.43 -25.13
C VAL A 100 -23.39 -41.93 -25.29
N ASN A 101 -23.34 -42.65 -24.18
CA ASN A 101 -23.70 -44.05 -24.11
C ASN A 101 -24.89 -44.27 -23.19
N LEU A 102 -25.85 -45.07 -23.62
CA LEU A 102 -27.05 -45.33 -22.81
C LEU A 102 -26.69 -45.94 -21.46
N GLY A 103 -27.22 -45.35 -20.39
CA GLY A 103 -26.99 -45.87 -19.05
C GLY A 103 -25.70 -45.35 -18.43
N GLU A 104 -24.93 -44.59 -19.20
CA GLU A 104 -23.66 -44.05 -18.74
C GLU A 104 -23.77 -42.56 -18.47
N PRO A 105 -23.62 -42.17 -17.18
CA PRO A 105 -23.72 -40.78 -16.72
C PRO A 105 -22.89 -39.82 -17.58
N ASN A 106 -23.51 -38.71 -17.97
CA ASN A 106 -22.85 -37.73 -18.80
C ASN A 106 -23.29 -36.31 -18.41
N ILE A 107 -22.79 -35.32 -19.15
CA ILE A 107 -23.10 -33.92 -18.87
C ILE A 107 -23.43 -33.18 -20.16
N LEU A 108 -24.57 -32.49 -20.18
CA LEU A 108 -24.90 -31.60 -21.29
C LEU A 108 -24.28 -30.23 -21.07
N ILE A 109 -23.69 -29.67 -22.11
CA ILE A 109 -23.11 -28.35 -22.03
C ILE A 109 -23.92 -27.33 -22.84
N CYS A 110 -24.40 -26.30 -22.16
CA CYS A 110 -25.09 -25.20 -22.84
C CYS A 110 -24.13 -24.02 -22.95
N PHE A 111 -23.63 -23.79 -24.16
CA PHE A 111 -22.61 -22.78 -24.39
C PHE A 111 -23.21 -21.49 -24.93
N ILE A 112 -23.29 -20.49 -24.05
CA ILE A 112 -23.75 -19.16 -24.45
C ILE A 112 -22.54 -18.31 -24.84
N ASP A 113 -22.59 -17.68 -26.01
CA ASP A 113 -21.41 -17.05 -26.59
C ASP A 113 -21.71 -15.72 -27.29
N LYS A 114 -20.69 -14.86 -27.37
CA LYS A 114 -20.71 -13.62 -28.14
C LYS A 114 -21.87 -12.69 -27.77
N PHE A 115 -21.98 -12.34 -26.48
CA PHE A 115 -23.11 -11.53 -26.04
C PHE A 115 -22.71 -10.42 -25.07
N SER A 116 -23.63 -9.48 -24.88
CA SER A 116 -23.44 -8.35 -23.98
C SER A 116 -24.78 -7.62 -23.85
N PRO A 117 -25.11 -7.12 -22.65
CA PRO A 117 -24.34 -7.11 -21.41
C PRO A 117 -24.31 -8.47 -20.70
N PRO A 118 -23.32 -8.70 -19.83
CA PRO A 118 -23.17 -9.97 -19.12
C PRO A 118 -24.31 -10.27 -18.13
N VAL A 119 -25.49 -10.57 -18.66
CA VAL A 119 -26.62 -10.98 -17.84
C VAL A 119 -27.54 -11.92 -18.63
N VAL A 120 -27.72 -13.13 -18.13
CA VAL A 120 -28.55 -14.12 -18.80
C VAL A 120 -29.44 -14.90 -17.84
N ASN A 121 -30.49 -15.51 -18.38
CA ASN A 121 -31.38 -16.36 -17.60
C ASN A 121 -31.50 -17.74 -18.26
N VAL A 122 -30.79 -18.72 -17.73
CA VAL A 122 -30.76 -20.06 -18.31
C VAL A 122 -31.64 -21.02 -17.53
N THR A 123 -32.44 -21.82 -18.24
CA THR A 123 -33.28 -22.81 -17.61
C THR A 123 -33.18 -24.16 -18.34
N TRP A 124 -32.56 -25.14 -17.69
CA TRP A 124 -32.49 -26.48 -18.24
C TRP A 124 -33.87 -27.13 -18.24
N LEU A 125 -34.19 -27.84 -19.32
CA LEU A 125 -35.48 -28.49 -19.45
C LEU A 125 -35.34 -29.98 -19.78
N ARG A 126 -35.82 -30.82 -18.88
CA ARG A 126 -35.92 -32.25 -19.16
C ARG A 126 -37.38 -32.62 -19.40
N ASN A 127 -37.67 -33.07 -20.62
CA ASN A 127 -39.03 -33.47 -21.01
C ASN A 127 -40.04 -32.35 -20.83
N GLY A 128 -39.63 -31.12 -21.09
CA GLY A 128 -40.54 -29.98 -21.07
C GLY A 128 -40.79 -29.38 -19.71
N ARG A 129 -39.98 -29.75 -18.72
CA ARG A 129 -40.09 -29.16 -17.39
C ARG A 129 -38.72 -28.86 -16.81
N PRO A 130 -38.62 -27.76 -16.03
CA PRO A 130 -37.33 -27.27 -15.50
C PRO A 130 -36.62 -28.26 -14.56
N VAL A 131 -35.30 -28.16 -14.56
CA VAL A 131 -34.45 -29.00 -13.71
C VAL A 131 -33.57 -28.13 -12.83
N THR A 132 -33.74 -28.26 -11.51
CA THR A 132 -32.99 -27.45 -10.57
C THR A 132 -31.87 -28.26 -9.91
N GLU A 133 -31.81 -29.55 -10.21
CA GLU A 133 -30.81 -30.42 -9.61
C GLU A 133 -29.80 -30.92 -10.63
N GLY A 134 -28.55 -31.04 -10.19
CA GLY A 134 -27.48 -31.46 -11.07
C GLY A 134 -27.12 -30.42 -12.09
N VAL A 135 -27.40 -29.16 -11.77
CA VAL A 135 -27.09 -28.06 -12.69
C VAL A 135 -25.93 -27.21 -12.17
N SER A 136 -24.97 -26.94 -13.03
CA SER A 136 -23.80 -26.15 -12.68
C SER A 136 -23.76 -24.90 -13.56
N GLU A 137 -22.91 -23.95 -13.18
CA GLU A 137 -22.89 -22.66 -13.84
C GLU A 137 -21.51 -22.00 -13.73
N THR A 138 -21.11 -21.26 -14.76
CA THR A 138 -19.86 -20.51 -14.71
C THR A 138 -20.13 -19.01 -14.63
N VAL A 139 -19.11 -18.26 -14.27
CA VAL A 139 -19.19 -16.80 -14.33
C VAL A 139 -19.06 -16.36 -15.78
N PHE A 140 -19.15 -15.05 -16.02
CA PHE A 140 -19.06 -14.54 -17.37
C PHE A 140 -17.61 -14.50 -17.83
N LEU A 141 -17.29 -15.34 -18.80
CA LEU A 141 -15.92 -15.55 -19.23
C LEU A 141 -15.51 -14.58 -20.34
N PRO A 142 -14.22 -14.22 -20.40
CA PRO A 142 -13.69 -13.29 -21.40
C PRO A 142 -13.58 -13.89 -22.79
N ARG A 143 -13.65 -13.04 -23.81
CA ARG A 143 -13.33 -13.42 -25.17
C ARG A 143 -12.16 -12.56 -25.65
N ASP A 144 -11.72 -12.80 -26.88
CA ASP A 144 -10.67 -11.98 -27.47
C ASP A 144 -11.17 -10.56 -27.74
N ASP A 145 -12.47 -10.44 -28.01
CA ASP A 145 -13.06 -9.15 -28.33
C ASP A 145 -13.63 -8.44 -27.10
N HIS A 146 -14.83 -7.87 -27.25
CA HIS A 146 -15.47 -7.12 -26.18
C HIS A 146 -16.69 -7.85 -25.64
N LEU A 147 -16.91 -9.07 -26.12
CA LEU A 147 -18.09 -9.83 -25.76
C LEU A 147 -17.78 -10.93 -24.74
N PHE A 148 -18.84 -11.51 -24.19
CA PHE A 148 -18.72 -12.53 -23.14
C PHE A 148 -19.16 -13.91 -23.63
N ARG A 149 -18.80 -14.93 -22.85
CA ARG A 149 -19.30 -16.28 -23.06
C ARG A 149 -19.58 -16.93 -21.71
N LYS A 150 -20.33 -18.02 -21.71
CA LYS A 150 -20.78 -18.62 -20.46
C LYS A 150 -21.11 -20.10 -20.64
N PHE A 151 -20.73 -20.91 -19.66
CA PHE A 151 -21.02 -22.35 -19.70
C PHE A 151 -22.08 -22.73 -18.68
N HIS A 152 -23.12 -23.41 -19.14
CA HIS A 152 -24.11 -23.98 -18.24
C HIS A 152 -24.11 -25.50 -18.37
N TYR A 153 -24.29 -26.19 -17.25
CA TYR A 153 -24.13 -27.64 -17.22
C TYR A 153 -25.33 -28.38 -16.64
N LEU A 154 -25.51 -29.62 -17.07
CA LEU A 154 -26.55 -30.48 -16.53
C LEU A 154 -26.14 -31.94 -16.59
N THR A 155 -26.03 -32.57 -15.42
CA THR A 155 -25.78 -34.00 -15.34
C THR A 155 -27.05 -34.74 -15.74
N PHE A 156 -26.90 -35.82 -16.52
CA PHE A 156 -28.05 -36.56 -16.99
C PHE A 156 -27.72 -38.02 -17.30
N LEU A 157 -28.74 -38.86 -17.28
CA LEU A 157 -28.59 -40.28 -17.59
C LEU A 157 -29.24 -40.56 -18.94
N PRO A 158 -28.41 -40.78 -19.97
CA PRO A 158 -28.84 -41.02 -21.36
C PRO A 158 -29.90 -42.10 -21.50
N SER A 159 -31.01 -41.77 -22.16
CA SER A 159 -32.05 -42.74 -22.49
C SER A 159 -32.79 -42.28 -23.74
N THR A 160 -33.47 -43.20 -24.40
CA THR A 160 -34.14 -42.90 -25.66
C THR A 160 -35.52 -42.26 -25.44
N ASP A 161 -35.92 -42.15 -24.17
CA ASP A 161 -37.23 -41.62 -23.84
C ASP A 161 -37.19 -40.11 -23.59
N ASP A 162 -36.02 -39.61 -23.22
CA ASP A 162 -35.90 -38.23 -22.78
C ASP A 162 -35.42 -37.28 -23.87
N PHE A 163 -35.88 -36.04 -23.80
CA PHE A 163 -35.39 -34.96 -24.65
C PHE A 163 -35.09 -33.74 -23.79
N TYR A 164 -34.06 -32.99 -24.15
CA TYR A 164 -33.62 -31.86 -23.34
C TYR A 164 -33.64 -30.54 -24.11
N ASP A 165 -33.88 -29.45 -23.38
CA ASP A 165 -33.85 -28.12 -23.96
C ASP A 165 -33.08 -27.15 -23.07
N CYS A 166 -32.35 -26.23 -23.69
CA CYS A 166 -31.68 -25.17 -22.95
C CYS A 166 -32.29 -23.83 -23.32
N GLU A 167 -33.04 -23.24 -22.40
CA GLU A 167 -33.72 -21.98 -22.67
C GLU A 167 -32.89 -20.81 -22.16
N VAL A 168 -32.42 -19.97 -23.09
CA VAL A 168 -31.56 -18.83 -22.76
C VAL A 168 -32.27 -17.50 -23.03
N ASP A 169 -32.39 -16.68 -21.99
CA ASP A 169 -33.01 -15.37 -22.13
C ASP A 169 -31.97 -14.27 -21.96
N HIS A 170 -32.05 -13.25 -22.81
CA HIS A 170 -31.10 -12.15 -22.81
C HIS A 170 -31.80 -10.89 -23.30
N TRP A 171 -31.27 -9.72 -22.96
CA TRP A 171 -31.89 -8.47 -23.38
C TRP A 171 -31.77 -8.24 -24.88
N GLY A 172 -30.86 -8.98 -25.52
CA GLY A 172 -30.68 -8.88 -26.96
C GLY A 172 -31.63 -9.79 -27.72
N LEU A 173 -32.59 -10.36 -27.01
CA LEU A 173 -33.55 -11.28 -27.61
C LEU A 173 -34.98 -10.76 -27.47
N GLU A 174 -35.71 -10.76 -28.58
CA GLU A 174 -37.13 -10.38 -28.55
C GLU A 174 -37.92 -11.48 -27.86
N GLU A 175 -37.37 -12.69 -27.88
CA GLU A 175 -38.03 -13.85 -27.32
C GLU A 175 -36.99 -14.87 -26.86
N PRO A 176 -37.15 -15.40 -25.64
CA PRO A 176 -36.24 -16.42 -25.11
C PRO A 176 -36.15 -17.62 -26.05
N LEU A 177 -34.94 -18.02 -26.42
CA LEU A 177 -34.74 -19.14 -27.33
C LEU A 177 -34.48 -20.43 -26.56
N ARG A 178 -34.80 -21.56 -27.18
CA ARG A 178 -34.50 -22.86 -26.57
C ARG A 178 -33.83 -23.78 -27.57
N LYS A 179 -32.60 -24.18 -27.25
CA LYS A 179 -31.89 -25.14 -28.09
C LYS A 179 -32.15 -26.55 -27.61
N HIS A 180 -32.52 -27.41 -28.55
CA HIS A 180 -32.98 -28.76 -28.22
C HIS A 180 -31.85 -29.78 -28.28
N TRP A 181 -31.99 -30.86 -27.50
CA TRP A 181 -31.04 -31.96 -27.52
C TRP A 181 -31.70 -33.28 -27.12
N GLU A 182 -31.50 -34.30 -27.94
CA GLU A 182 -31.95 -35.65 -27.59
C GLU A 182 -30.98 -36.68 -28.17
N PHE A 183 -31.00 -37.88 -27.60
CA PHE A 183 -30.06 -38.93 -27.97
C PHE A 183 -30.14 -39.30 -29.45
N ARG B 32 -34.31 -0.47 -22.70
CA ARG B 32 -33.65 -0.82 -21.44
C ARG B 32 -32.18 -0.46 -21.47
N PRO B 33 -31.82 0.66 -20.85
CA PRO B 33 -30.43 1.13 -20.84
C PRO B 33 -29.58 0.36 -19.85
N TRP B 34 -28.31 0.17 -20.18
CA TRP B 34 -27.35 -0.45 -19.27
C TRP B 34 -25.97 0.14 -19.47
N PHE B 35 -25.14 0.04 -18.44
CA PHE B 35 -23.82 0.64 -18.46
C PHE B 35 -22.79 -0.32 -17.91
N LEU B 36 -21.69 -0.49 -18.63
CA LEU B 36 -20.70 -1.50 -18.30
C LEU B 36 -19.28 -0.96 -18.29
N GLU B 37 -18.62 -1.07 -17.15
CA GLU B 37 -17.20 -0.72 -17.04
C GLU B 37 -16.38 -2.01 -17.02
N TYR B 38 -15.70 -2.29 -18.12
CA TYR B 38 -15.06 -3.59 -18.33
C TYR B 38 -13.55 -3.44 -18.55
N CYS B 39 -12.76 -4.13 -17.72
CA CYS B 39 -11.31 -4.04 -17.86
C CYS B 39 -10.63 -5.40 -17.87
N LYS B 40 -9.87 -5.67 -18.93
CA LYS B 40 -9.12 -6.91 -19.05
C LYS B 40 -7.62 -6.65 -19.13
N SER B 41 -6.90 -7.05 -18.07
CA SER B 41 -5.46 -6.90 -18.02
C SER B 41 -4.79 -8.20 -18.44
N GLU B 42 -4.20 -8.19 -19.63
CA GLU B 42 -3.69 -9.41 -20.24
C GLU B 42 -2.17 -9.54 -20.14
N CYS B 43 -1.71 -10.66 -19.60
CA CYS B 43 -0.29 -10.99 -19.60
C CYS B 43 -0.01 -11.96 -20.74
N HIS B 44 0.80 -11.53 -21.70
CA HIS B 44 1.12 -12.36 -22.86
C HIS B 44 2.53 -12.91 -22.76
N PHE B 45 2.65 -14.24 -22.75
CA PHE B 45 3.94 -14.91 -22.69
C PHE B 45 4.23 -15.62 -24.01
N TYR B 46 5.14 -15.06 -24.78
CA TYR B 46 5.45 -15.60 -26.10
C TYR B 46 6.41 -16.78 -26.00
N ASN B 47 7.12 -16.85 -24.88
CA ASN B 47 7.88 -18.05 -24.52
C ASN B 47 8.23 -17.99 -23.04
N GLY B 48 7.25 -18.28 -22.19
CA GLY B 48 7.43 -18.18 -20.77
C GLY B 48 7.77 -16.77 -20.34
N THR B 49 8.73 -16.64 -19.44
CA THR B 49 9.11 -15.35 -18.90
C THR B 49 10.27 -14.72 -19.68
N GLN B 50 10.64 -15.35 -20.79
CA GLN B 50 11.71 -14.83 -21.64
C GLN B 50 11.24 -13.60 -22.40
N ARG B 51 10.02 -13.64 -22.90
CA ARG B 51 9.43 -12.51 -23.62
C ARG B 51 8.00 -12.26 -23.16
N VAL B 52 7.81 -11.17 -22.42
CA VAL B 52 6.50 -10.86 -21.84
C VAL B 52 5.98 -9.50 -22.32
N ARG B 53 4.70 -9.48 -22.70
CA ARG B 53 4.03 -8.25 -23.07
C ARG B 53 2.74 -8.06 -22.28
N LEU B 54 2.62 -6.91 -21.62
CA LEU B 54 1.41 -6.58 -20.87
C LEU B 54 0.45 -5.76 -21.74
N LEU B 55 -0.81 -6.17 -21.76
CA LEU B 55 -1.82 -5.44 -22.53
C LEU B 55 -3.09 -5.21 -21.69
N VAL B 56 -3.24 -4.00 -21.19
CA VAL B 56 -4.44 -3.66 -20.42
C VAL B 56 -5.48 -3.02 -21.33
N ARG B 57 -6.67 -3.59 -21.36
CA ARG B 57 -7.72 -3.14 -22.26
C ARG B 57 -8.96 -2.67 -21.50
N TYR B 58 -9.35 -1.42 -21.72
CA TYR B 58 -10.53 -0.86 -21.06
C TYR B 58 -11.72 -0.84 -22.01
N PHE B 59 -12.87 -1.26 -21.50
CA PHE B 59 -14.09 -1.31 -22.31
C PHE B 59 -15.22 -0.55 -21.61
N TYR B 60 -15.96 0.24 -22.38
CA TYR B 60 -17.21 0.80 -21.91
C TYR B 60 -18.32 0.42 -22.87
N ASN B 61 -19.35 -0.24 -22.34
CA ASN B 61 -20.40 -0.84 -23.16
C ASN B 61 -19.81 -1.77 -24.22
N LEU B 62 -20.07 -1.48 -25.49
CA LEU B 62 -19.63 -2.36 -26.57
C LEU B 62 -18.34 -1.87 -27.24
N GLU B 63 -17.64 -0.96 -26.58
CA GLU B 63 -16.52 -0.27 -27.22
C GLU B 63 -15.23 -0.27 -26.38
N GLU B 64 -14.19 -0.87 -26.94
CA GLU B 64 -12.85 -0.78 -26.37
C GLU B 64 -12.33 0.64 -26.58
N ASN B 65 -12.02 1.35 -25.49
CA ASN B 65 -11.67 2.76 -25.61
C ASN B 65 -10.23 3.08 -25.22
N LEU B 66 -9.63 2.27 -24.37
CA LEU B 66 -8.30 2.56 -23.86
C LEU B 66 -7.42 1.32 -23.77
N ARG B 67 -6.12 1.50 -24.02
CA ARG B 67 -5.16 0.40 -23.93
C ARG B 67 -3.86 0.84 -23.27
N PHE B 68 -3.20 -0.12 -22.61
CA PHE B 68 -1.81 0.07 -22.21
C PHE B 68 -0.98 -1.08 -22.71
N ASP B 69 -0.17 -0.81 -23.73
CA ASP B 69 0.75 -1.80 -24.26
C ASP B 69 2.12 -1.57 -23.64
N SER B 70 2.69 -2.61 -23.03
CA SER B 70 4.00 -2.51 -22.41
C SER B 70 5.09 -2.27 -23.45
N ASP B 71 4.79 -2.55 -24.71
CA ASP B 71 5.71 -2.25 -25.81
C ASP B 71 5.64 -0.77 -26.19
N VAL B 72 4.58 -0.10 -25.75
CA VAL B 72 4.44 1.34 -25.95
C VAL B 72 4.99 2.10 -24.75
N GLY B 73 4.63 1.63 -23.56
CA GLY B 73 5.11 2.24 -22.33
C GLY B 73 4.15 3.27 -21.76
N GLU B 74 3.14 3.64 -22.54
CA GLU B 74 2.14 4.61 -22.10
C GLU B 74 0.74 4.17 -22.49
N PHE B 75 -0.26 4.88 -21.99
CA PHE B 75 -1.65 4.64 -22.39
C PHE B 75 -1.93 5.25 -23.75
N ARG B 76 -2.78 4.57 -24.52
CA ARG B 76 -3.20 5.06 -25.83
C ARG B 76 -4.69 4.82 -26.01
N ALA B 77 -5.42 5.88 -26.37
CA ALA B 77 -6.85 5.76 -26.59
C ALA B 77 -7.16 4.94 -27.83
N VAL B 78 -8.14 4.06 -27.73
CA VAL B 78 -8.62 3.32 -28.88
C VAL B 78 -9.74 4.11 -29.54
N THR B 79 -10.55 4.77 -28.72
CA THR B 79 -11.56 5.71 -29.19
C THR B 79 -11.50 6.98 -28.35
N GLU B 80 -12.18 8.03 -28.81
CA GLU B 80 -12.13 9.34 -28.16
C GLU B 80 -12.65 9.32 -26.73
N LEU B 81 -13.42 8.29 -26.38
CA LEU B 81 -13.95 8.16 -25.03
C LEU B 81 -12.84 7.83 -24.04
N GLY B 82 -11.78 7.22 -24.53
CA GLY B 82 -10.68 6.78 -23.68
C GLY B 82 -9.55 7.78 -23.59
N ARG B 83 -9.57 8.80 -24.45
CA ARG B 83 -8.52 9.81 -24.48
C ARG B 83 -8.35 10.61 -23.16
N PRO B 84 -9.45 11.04 -22.51
CA PRO B 84 -9.25 11.75 -21.24
C PRO B 84 -8.44 10.96 -20.21
N ASP B 85 -8.63 9.64 -20.16
CA ASP B 85 -7.92 8.80 -19.21
C ASP B 85 -6.46 8.64 -19.60
N ALA B 86 -6.20 8.62 -20.91
CA ALA B 86 -4.83 8.52 -21.40
C ALA B 86 -4.02 9.75 -21.00
N GLU B 87 -4.52 10.93 -21.38
CA GLU B 87 -3.84 12.19 -21.08
C GLU B 87 -3.68 12.41 -19.57
N ASN B 88 -4.65 11.93 -18.80
CA ASN B 88 -4.59 12.05 -17.35
C ASN B 88 -3.47 11.20 -16.76
N TRP B 89 -3.49 9.90 -17.08
CA TRP B 89 -2.56 8.95 -16.49
C TRP B 89 -1.16 9.06 -17.08
N ASN B 90 -1.05 9.48 -18.33
CA ASN B 90 0.26 9.62 -18.97
C ASN B 90 1.04 10.83 -18.48
N SER B 91 0.34 11.75 -17.82
CA SER B 91 0.99 12.94 -17.28
C SER B 91 1.46 12.70 -15.84
N GLN B 92 1.36 11.44 -15.40
CA GLN B 92 1.74 11.08 -14.04
C GLN B 92 2.87 10.05 -14.05
N PRO B 93 4.12 10.53 -13.92
CA PRO B 93 5.33 9.70 -13.99
C PRO B 93 5.30 8.47 -13.11
N GLU B 94 4.83 8.61 -11.87
CA GLU B 94 4.84 7.51 -10.91
C GLU B 94 3.86 6.40 -11.31
N PHE B 95 2.70 6.81 -11.84
CA PHE B 95 1.70 5.89 -12.36
C PHE B 95 2.34 5.00 -13.44
N LEU B 96 2.87 5.65 -14.47
CA LEU B 96 3.48 4.94 -15.60
C LEU B 96 4.62 4.04 -15.14
N GLU B 97 5.42 4.53 -14.20
CA GLU B 97 6.53 3.75 -13.65
C GLU B 97 6.03 2.46 -13.02
N GLN B 98 4.93 2.54 -12.27
CA GLN B 98 4.36 1.36 -11.63
C GLN B 98 3.76 0.43 -12.67
N LYS B 99 3.12 1.02 -13.69
CA LYS B 99 2.54 0.24 -14.78
C LYS B 99 3.58 -0.56 -15.55
N ARG B 100 4.65 0.11 -15.94
CA ARG B 100 5.72 -0.51 -16.72
C ARG B 100 6.41 -1.66 -15.98
N ALA B 101 6.37 -1.61 -14.65
CA ALA B 101 7.00 -2.63 -13.82
C ALA B 101 6.11 -3.86 -13.65
N GLU B 102 4.83 -3.74 -14.01
CA GLU B 102 3.86 -4.81 -13.78
C GLU B 102 4.07 -6.00 -14.71
N VAL B 103 4.81 -5.79 -15.80
CA VAL B 103 5.30 -6.90 -16.60
C VAL B 103 6.10 -7.86 -15.70
N ASP B 104 6.81 -7.28 -14.75
CA ASP B 104 7.58 -8.04 -13.77
C ASP B 104 6.81 -8.34 -12.47
N THR B 105 6.25 -7.30 -11.88
CA THR B 105 5.66 -7.41 -10.55
C THR B 105 4.34 -8.17 -10.50
N VAL B 106 3.69 -8.36 -11.64
CA VAL B 106 2.42 -9.07 -11.66
C VAL B 106 2.44 -10.24 -12.64
N CYS B 107 2.86 -9.98 -13.88
CA CYS B 107 2.87 -11.00 -14.91
C CYS B 107 3.85 -12.13 -14.63
N ARG B 108 5.14 -11.80 -14.54
CA ARG B 108 6.15 -12.81 -14.30
C ARG B 108 6.02 -13.42 -12.89
N HIS B 109 5.46 -12.66 -11.96
CA HIS B 109 5.22 -13.17 -10.62
C HIS B 109 4.20 -14.30 -10.62
N ASN B 110 3.10 -14.10 -11.34
CA ASN B 110 2.04 -15.09 -11.41
C ASN B 110 2.40 -16.28 -12.29
N TYR B 111 3.23 -16.06 -13.30
CA TYR B 111 3.61 -17.14 -14.22
C TYR B 111 4.42 -18.21 -13.50
N GLU B 112 5.37 -17.78 -12.66
CA GLU B 112 6.20 -18.71 -11.90
C GLU B 112 5.34 -19.64 -11.05
N ILE B 113 4.27 -19.09 -10.48
CA ILE B 113 3.34 -19.85 -9.67
C ILE B 113 2.53 -20.83 -10.53
N PHE B 114 1.92 -20.30 -11.59
CA PHE B 114 1.11 -21.11 -12.49
C PHE B 114 1.94 -22.16 -13.22
N ASP B 115 3.25 -21.93 -13.28
CA ASP B 115 4.17 -22.85 -13.94
C ASP B 115 4.30 -24.16 -13.16
N ASN B 116 3.76 -24.18 -11.95
CA ASN B 116 3.85 -25.35 -11.09
C ASN B 116 2.70 -26.35 -11.29
N PHE B 117 1.59 -25.87 -11.85
CA PHE B 117 0.40 -26.72 -11.94
C PHE B 117 -0.46 -26.47 -13.16
N LEU B 118 -0.49 -25.24 -13.66
CA LEU B 118 -1.31 -24.92 -14.82
C LEU B 118 -0.58 -25.24 -16.12
N VAL B 119 0.65 -24.77 -16.25
CA VAL B 119 1.45 -25.03 -17.44
C VAL B 119 1.77 -26.53 -17.63
N PRO B 120 2.20 -27.24 -16.58
CA PRO B 120 2.51 -28.65 -16.84
C PRO B 120 1.31 -29.58 -16.76
N ARG B 121 0.10 -29.03 -16.68
CA ARG B 121 -1.11 -29.85 -16.57
C ARG B 121 -1.29 -30.75 -17.79
N ARG B 122 -1.52 -32.04 -17.54
CA ARG B 122 -1.70 -33.01 -18.62
C ARG B 122 -2.86 -33.97 -18.34
N VAL B 123 -3.82 -33.99 -19.26
CA VAL B 123 -4.93 -34.93 -19.16
C VAL B 123 -4.99 -35.80 -20.42
N GLU B 124 -4.88 -37.10 -20.24
CA GLU B 124 -4.78 -38.06 -21.33
C GLU B 124 -6.10 -38.24 -22.07
N PRO B 125 -6.07 -38.16 -23.41
CA PRO B 125 -7.27 -38.26 -24.24
C PRO B 125 -7.87 -39.66 -24.30
N THR B 126 -9.20 -39.73 -24.40
CA THR B 126 -9.90 -40.99 -24.60
C THR B 126 -10.34 -41.09 -26.07
N VAL B 127 -9.85 -42.12 -26.76
CA VAL B 127 -10.10 -42.23 -28.20
C VAL B 127 -11.04 -43.38 -28.54
N THR B 128 -12.01 -43.10 -29.41
CA THR B 128 -13.04 -44.06 -29.77
C THR B 128 -13.41 -43.94 -31.24
N VAL B 129 -13.54 -45.08 -31.91
CA VAL B 129 -13.93 -45.10 -33.31
C VAL B 129 -15.28 -45.81 -33.51
N TYR B 130 -16.20 -45.16 -34.20
CA TYR B 130 -17.50 -45.76 -34.50
C TYR B 130 -18.07 -45.23 -35.81
N PRO B 131 -18.68 -46.11 -36.61
CA PRO B 131 -19.27 -45.80 -37.92
C PRO B 131 -20.60 -45.05 -37.82
N THR B 132 -20.92 -44.25 -38.83
CA THR B 132 -22.16 -43.49 -38.88
C THR B 132 -22.70 -43.43 -40.30
N LYS B 133 -24.02 -43.38 -40.43
CA LYS B 133 -24.70 -43.39 -41.73
C LYS B 133 -24.31 -44.61 -42.57
N ASN B 141 -20.00 -44.20 -46.27
CA ASN B 141 -20.11 -44.20 -44.82
C ASN B 141 -19.28 -43.09 -44.18
N LEU B 142 -19.44 -42.91 -42.87
CA LEU B 142 -18.72 -41.89 -42.14
C LEU B 142 -18.07 -42.46 -40.88
N LEU B 143 -16.75 -42.64 -40.91
CA LEU B 143 -16.01 -43.13 -39.77
C LEU B 143 -15.70 -42.01 -38.80
N VAL B 144 -16.13 -42.16 -37.55
CA VAL B 144 -15.97 -41.11 -36.56
C VAL B 144 -14.89 -41.45 -35.52
N CYS B 145 -13.88 -40.59 -35.43
CA CYS B 145 -12.87 -40.72 -34.38
C CYS B 145 -13.11 -39.71 -33.27
N SER B 146 -13.62 -40.20 -32.14
CA SER B 146 -13.94 -39.34 -31.02
C SER B 146 -12.77 -39.23 -30.05
N VAL B 147 -12.22 -38.03 -29.91
CA VAL B 147 -11.15 -37.77 -28.96
C VAL B 147 -11.67 -36.88 -27.83
N SER B 148 -11.68 -37.40 -26.62
CA SER B 148 -12.40 -36.77 -25.52
C SER B 148 -11.56 -36.55 -24.26
N ASP B 149 -11.93 -35.52 -23.50
CA ASP B 149 -11.29 -35.18 -22.22
C ASP B 149 -9.77 -35.17 -22.26
N PHE B 150 -9.20 -34.18 -22.95
CA PHE B 150 -7.75 -34.04 -22.98
C PHE B 150 -7.31 -32.60 -22.72
N TYR B 151 -6.08 -32.46 -22.22
CA TYR B 151 -5.50 -31.16 -21.94
C TYR B 151 -3.98 -31.28 -21.99
N PRO B 152 -3.29 -30.33 -22.64
CA PRO B 152 -3.82 -29.10 -23.23
C PRO B 152 -4.47 -29.31 -24.60
N GLY B 153 -4.87 -28.21 -25.24
CA GLY B 153 -5.58 -28.27 -26.50
C GLY B 153 -4.74 -28.69 -27.68
N ASN B 154 -3.43 -28.56 -27.56
CA ASN B 154 -2.51 -28.98 -28.63
C ASN B 154 -2.67 -30.47 -28.92
N ILE B 155 -3.20 -30.77 -30.10
CA ILE B 155 -3.43 -32.17 -30.46
C ILE B 155 -3.40 -32.36 -31.99
N GLU B 156 -3.10 -33.58 -32.41
CA GLU B 156 -3.10 -33.93 -33.82
C GLU B 156 -3.76 -35.28 -34.05
N VAL B 157 -4.82 -35.28 -34.85
CA VAL B 157 -5.56 -36.49 -35.15
C VAL B 157 -5.50 -36.78 -36.65
N ARG B 158 -5.09 -38.00 -37.00
CA ARG B 158 -4.95 -38.37 -38.40
C ARG B 158 -5.67 -39.67 -38.73
N TRP B 159 -6.39 -39.68 -39.85
CA TRP B 159 -7.02 -40.89 -40.35
C TRP B 159 -6.11 -41.61 -41.34
N PHE B 160 -5.95 -42.91 -41.14
CA PHE B 160 -5.13 -43.72 -42.04
C PHE B 160 -5.98 -44.72 -42.82
N ARG B 161 -5.66 -44.95 -44.08
CA ARG B 161 -6.27 -46.04 -44.86
C ARG B 161 -5.21 -47.10 -45.17
N ASN B 162 -5.31 -48.23 -44.50
CA ASN B 162 -4.36 -49.35 -44.67
C ASN B 162 -2.92 -48.95 -44.37
N GLY B 163 -2.74 -47.99 -43.47
CA GLY B 163 -1.42 -47.57 -43.06
C GLY B 163 -0.94 -46.30 -43.74
N LYS B 164 -1.73 -45.81 -44.69
CA LYS B 164 -1.40 -44.58 -45.41
C LYS B 164 -2.34 -43.44 -45.00
N GLU B 165 -1.76 -42.31 -44.62
CA GLU B 165 -2.53 -41.17 -44.12
C GLU B 165 -3.50 -40.66 -45.17
N GLU B 166 -4.71 -40.30 -44.74
CA GLU B 166 -5.69 -39.73 -45.64
C GLU B 166 -5.99 -38.28 -45.31
N LYS B 167 -5.43 -37.38 -46.11
CA LYS B 167 -5.62 -35.95 -45.88
C LYS B 167 -6.77 -35.39 -46.71
N THR B 168 -7.71 -36.25 -47.11
CA THR B 168 -8.86 -35.81 -47.89
C THR B 168 -10.16 -36.45 -47.38
N GLY B 169 -11.26 -35.72 -47.51
CA GLY B 169 -12.55 -36.19 -47.06
C GLY B 169 -12.77 -36.03 -45.56
N ILE B 170 -11.84 -35.34 -44.91
CA ILE B 170 -11.90 -35.17 -43.46
C ILE B 170 -12.89 -34.07 -43.06
N VAL B 171 -13.80 -34.42 -42.16
CA VAL B 171 -14.73 -33.45 -41.58
C VAL B 171 -14.54 -33.41 -40.07
N SER B 172 -14.36 -32.20 -39.53
CA SER B 172 -14.07 -32.05 -38.11
C SER B 172 -14.96 -30.99 -37.47
N THR B 173 -15.17 -31.12 -36.16
CA THR B 173 -15.85 -30.08 -35.40
C THR B 173 -14.82 -29.09 -34.91
N GLY B 174 -13.55 -29.44 -35.10
CA GLY B 174 -12.44 -28.64 -34.62
C GLY B 174 -12.28 -28.80 -33.12
N LEU B 175 -11.34 -28.04 -32.56
CA LEU B 175 -11.10 -28.08 -31.12
C LEU B 175 -12.31 -27.53 -30.37
N VAL B 176 -12.85 -28.31 -29.44
CA VAL B 176 -14.01 -27.90 -28.67
C VAL B 176 -13.66 -27.74 -27.20
N ARG B 177 -13.92 -26.56 -26.65
CA ARG B 177 -13.63 -26.26 -25.25
C ARG B 177 -14.82 -26.58 -24.36
N ASN B 178 -14.63 -27.49 -23.40
CA ASN B 178 -15.71 -27.91 -22.52
C ASN B 178 -15.94 -26.94 -21.36
N GLY B 179 -14.94 -26.10 -21.09
CA GLY B 179 -15.06 -25.06 -20.09
C GLY B 179 -14.65 -25.50 -18.70
N ASP B 180 -14.21 -26.75 -18.58
CA ASP B 180 -13.79 -27.28 -17.29
C ASP B 180 -12.36 -27.80 -17.37
N TRP B 181 -11.57 -27.18 -18.25
CA TRP B 181 -10.16 -27.52 -18.49
C TRP B 181 -10.00 -28.86 -19.21
N THR B 182 -11.02 -29.28 -19.94
CA THR B 182 -10.90 -30.43 -20.83
C THR B 182 -11.35 -30.05 -22.24
N PHE B 183 -10.80 -30.74 -23.23
CA PHE B 183 -11.17 -30.53 -24.62
C PHE B 183 -11.74 -31.80 -25.23
N GLN B 184 -12.55 -31.64 -26.27
CA GLN B 184 -13.01 -32.76 -27.07
C GLN B 184 -12.99 -32.37 -28.54
N THR B 185 -13.01 -33.37 -29.41
CA THR B 185 -13.07 -33.11 -30.84
C THR B 185 -13.56 -34.34 -31.59
N LEU B 186 -14.21 -34.11 -32.73
CA LEU B 186 -14.65 -35.19 -33.60
C LEU B 186 -13.98 -35.07 -34.96
N VAL B 187 -13.13 -36.03 -35.28
CA VAL B 187 -12.47 -36.09 -36.57
C VAL B 187 -13.06 -37.22 -37.40
N MET B 188 -13.85 -36.86 -38.42
CA MET B 188 -14.62 -37.85 -39.16
C MET B 188 -14.09 -38.06 -40.58
N LEU B 189 -14.10 -39.32 -41.02
CA LEU B 189 -13.69 -39.68 -42.37
C LEU B 189 -14.92 -40.10 -43.19
N GLU B 190 -15.02 -39.60 -44.42
CA GLU B 190 -16.24 -39.76 -45.20
C GLU B 190 -16.07 -40.75 -46.35
N THR B 191 -15.96 -42.04 -46.04
CA THR B 191 -15.70 -43.04 -47.08
C THR B 191 -16.48 -44.34 -46.90
N VAL B 192 -16.51 -45.12 -47.97
CA VAL B 192 -17.16 -46.42 -47.96
C VAL B 192 -16.11 -47.53 -47.99
N PRO B 193 -16.01 -48.29 -46.88
CA PRO B 193 -15.07 -49.40 -46.79
C PRO B 193 -15.47 -50.56 -47.71
N GLU B 197 -9.51 -51.71 -45.86
CA GLU B 197 -10.19 -52.70 -45.03
C GLU B 197 -9.92 -52.45 -43.55
N VAL B 198 -8.73 -51.94 -43.24
CA VAL B 198 -8.34 -51.65 -41.87
C VAL B 198 -8.06 -50.16 -41.67
N TYR B 199 -9.08 -49.43 -41.23
CA TYR B 199 -8.95 -48.00 -40.99
C TYR B 199 -8.38 -47.72 -39.60
N THR B 200 -7.54 -46.70 -39.50
CA THR B 200 -6.82 -46.40 -38.27
C THR B 200 -6.83 -44.92 -37.93
N CYS B 201 -7.20 -44.61 -36.69
CA CYS B 201 -7.16 -43.23 -36.21
C CYS B 201 -6.00 -43.04 -35.22
N GLN B 202 -5.08 -42.16 -35.57
CA GLN B 202 -3.91 -41.92 -34.71
C GLN B 202 -4.00 -40.55 -34.03
N VAL B 203 -3.72 -40.54 -32.72
CA VAL B 203 -3.80 -39.32 -31.94
C VAL B 203 -2.46 -39.01 -31.28
N GLU B 204 -1.93 -37.82 -31.53
CA GLU B 204 -0.71 -37.37 -30.87
C GLU B 204 -1.02 -36.22 -29.91
N HIS B 205 -0.40 -36.26 -28.73
CA HIS B 205 -0.73 -35.33 -27.67
C HIS B 205 0.44 -35.22 -26.68
N PRO B 206 0.67 -34.02 -26.12
CA PRO B 206 1.75 -33.79 -25.16
C PRO B 206 1.68 -34.68 -23.92
N SER B 207 0.52 -35.27 -23.65
CA SER B 207 0.36 -36.15 -22.49
C SER B 207 0.80 -37.58 -22.83
N LEU B 208 1.16 -37.80 -24.09
CA LEU B 208 1.53 -39.13 -24.56
C LEU B 208 2.99 -39.20 -24.99
N THR B 209 3.70 -40.18 -24.46
CA THR B 209 5.07 -40.43 -24.87
C THR B 209 5.07 -41.05 -26.27
N ASP B 210 4.02 -41.82 -26.55
CA ASP B 210 3.87 -42.47 -27.84
C ASP B 210 2.44 -42.29 -28.35
N PRO B 211 2.27 -42.19 -29.67
CA PRO B 211 0.95 -42.00 -30.29
C PRO B 211 -0.03 -43.10 -29.93
N VAL B 212 -1.27 -42.73 -29.60
CA VAL B 212 -2.31 -43.71 -29.32
C VAL B 212 -2.99 -44.10 -30.63
N THR B 213 -3.20 -45.40 -30.81
CA THR B 213 -3.77 -45.92 -32.05
C THR B 213 -4.99 -46.78 -31.80
N VAL B 214 -6.07 -46.50 -32.53
CA VAL B 214 -7.26 -47.34 -32.50
C VAL B 214 -7.67 -47.71 -33.93
N GLU B 215 -7.79 -49.01 -34.18
CA GLU B 215 -8.08 -49.50 -35.52
C GLU B 215 -9.55 -49.86 -35.68
N TRP B 216 -10.03 -49.83 -36.92
CA TRP B 216 -11.38 -50.26 -37.24
C TRP B 216 -11.38 -51.09 -38.51
N LYS B 217 -11.63 -52.40 -38.36
CA LYS B 217 -11.64 -53.31 -39.50
C LYS B 217 -12.98 -53.31 -40.21
N GLN C 8 6.14 -8.97 4.55
CA GLN C 8 7.17 -8.65 5.55
C GLN C 8 8.33 -7.88 4.93
N VAL C 9 8.90 -6.97 5.70
CA VAL C 9 10.02 -6.15 5.24
C VAL C 9 11.18 -6.18 6.23
N GLU C 10 12.39 -6.40 5.73
CA GLU C 10 13.58 -6.40 6.57
C GLU C 10 14.49 -5.22 6.23
N GLN C 11 14.69 -4.33 7.19
CA GLN C 11 15.51 -3.14 6.98
C GLN C 11 16.78 -3.19 7.83
N SER C 12 17.88 -2.69 7.27
CA SER C 12 19.15 -2.63 7.98
C SER C 12 19.97 -1.43 7.49
N PRO C 13 20.83 -0.87 8.36
CA PRO C 13 21.01 -1.27 9.76
C PRO C 13 19.94 -0.70 10.68
N SER C 14 19.93 -1.16 11.93
CA SER C 14 18.97 -0.68 12.90
C SER C 14 19.28 0.77 13.30
N ALA C 15 20.57 1.06 13.42
CA ALA C 15 21.02 2.41 13.77
C ALA C 15 22.31 2.73 13.03
N LEU C 16 22.55 4.02 12.79
CA LEU C 16 23.71 4.44 12.02
C LEU C 16 24.19 5.82 12.46
N SER C 17 25.45 5.89 12.89
CA SER C 17 26.05 7.17 13.27
C SER C 17 27.10 7.58 12.23
N LEU C 18 26.73 8.56 11.41
CA LEU C 18 27.58 8.97 10.29
C LEU C 18 28.21 10.33 10.55
N HIS C 19 29.53 10.41 10.40
CA HIS C 19 30.23 11.68 10.55
C HIS C 19 29.76 12.67 9.50
N GLU C 20 29.74 13.95 9.87
CA GLU C 20 29.32 15.01 8.96
C GLU C 20 30.19 15.03 7.71
N GLY C 21 29.56 14.92 6.55
CA GLY C 21 30.26 14.96 5.28
C GLY C 21 30.62 13.60 4.71
N THR C 22 30.31 12.54 5.44
CA THR C 22 30.59 11.19 4.96
C THR C 22 29.32 10.50 4.47
N GLY C 23 29.46 9.29 3.97
CA GLY C 23 28.34 8.58 3.38
C GLY C 23 28.16 7.13 3.80
N SER C 24 26.94 6.63 3.63
CA SER C 24 26.62 5.24 3.90
C SER C 24 25.38 4.82 3.12
N ALA C 25 24.89 3.61 3.38
CA ALA C 25 23.76 3.08 2.61
C ALA C 25 22.84 2.19 3.46
N LEU C 26 21.54 2.32 3.22
CA LEU C 26 20.54 1.50 3.91
C LEU C 26 19.92 0.50 2.94
N ARG C 27 19.47 -0.63 3.45
CA ARG C 27 18.92 -1.68 2.60
C ARG C 27 17.59 -2.21 3.12
N CYS C 28 16.72 -2.63 2.21
CA CYS C 28 15.47 -3.28 2.56
C CYS C 28 15.24 -4.51 1.69
N ASN C 29 15.12 -5.68 2.32
CA ASN C 29 14.75 -6.90 1.61
C ASN C 29 13.26 -7.17 1.76
N PHE C 30 12.61 -7.59 0.68
CA PHE C 30 11.19 -7.91 0.72
C PHE C 30 10.98 -9.41 0.56
N THR C 31 10.09 -9.98 1.38
CA THR C 31 9.84 -11.42 1.35
C THR C 31 8.82 -11.79 0.28
N THR C 32 8.21 -10.78 -0.35
CA THR C 32 7.27 -11.00 -1.43
C THR C 32 7.38 -9.88 -2.47
N THR C 33 6.51 -9.91 -3.48
CA THR C 33 6.59 -8.96 -4.58
C THR C 33 5.96 -7.61 -4.25
N MET C 34 6.74 -6.55 -4.43
CA MET C 34 6.26 -5.19 -4.19
C MET C 34 6.03 -4.44 -5.49
N ARG C 35 4.92 -3.71 -5.56
CA ARG C 35 4.58 -2.95 -6.75
C ARG C 35 5.52 -1.77 -6.90
N ALA C 36 5.78 -1.10 -5.78
CA ALA C 36 6.68 0.04 -5.73
C ALA C 36 7.14 0.30 -4.30
N VAL C 37 8.27 0.98 -4.15
CA VAL C 37 8.81 1.27 -2.83
C VAL C 37 8.84 2.77 -2.55
N GLN C 38 8.50 3.16 -1.33
CA GLN C 38 8.65 4.54 -0.89
C GLN C 38 9.72 4.64 0.19
N TRP C 39 10.53 5.69 0.13
CA TRP C 39 11.51 5.95 1.16
C TRP C 39 11.17 7.25 1.90
N PHE C 40 11.14 7.17 3.23
CA PHE C 40 10.82 8.34 4.04
C PHE C 40 12.00 8.72 4.94
N GLN C 41 12.02 10.00 5.33
CA GLN C 41 12.83 10.43 6.45
C GLN C 41 11.90 10.98 7.53
N GLN C 42 11.87 10.35 8.68
CA GLN C 42 11.08 10.87 9.78
C GLN C 42 11.97 11.71 10.68
N ASN C 43 11.76 13.03 10.66
CA ASN C 43 12.61 13.95 11.38
C ASN C 43 12.30 13.98 12.88
N SER C 44 12.96 14.88 13.59
CA SER C 44 12.77 15.04 15.03
C SER C 44 11.31 15.36 15.37
N ARG C 45 10.68 16.18 14.55
CA ARG C 45 9.27 16.55 14.74
C ARG C 45 8.37 15.33 14.66
N GLY C 46 8.79 14.34 13.88
CA GLY C 46 8.04 13.11 13.73
C GLY C 46 7.23 13.05 12.43
N SER C 47 7.50 14.00 11.53
CA SER C 47 6.76 14.05 10.28
C SER C 47 7.56 13.41 9.15
N LEU C 48 6.91 12.50 8.43
CA LEU C 48 7.55 11.72 7.38
C LEU C 48 7.76 12.54 6.11
N ILE C 49 9.02 12.73 5.73
CA ILE C 49 9.35 13.43 4.50
C ILE C 49 9.58 12.44 3.37
N ASN C 50 8.88 12.64 2.27
CA ASN C 50 9.04 11.80 1.09
C ASN C 50 10.41 12.00 0.46
N LEU C 51 11.13 10.90 0.27
CA LEU C 51 12.45 10.95 -0.36
C LEU C 51 12.39 10.43 -1.78
N PHE C 52 11.78 9.26 -1.95
CA PHE C 52 11.72 8.61 -3.25
C PHE C 52 10.45 7.80 -3.46
N TYR C 53 9.99 7.76 -4.70
CA TYR C 53 9.04 6.75 -5.16
C TYR C 53 9.62 6.10 -6.41
N LEU C 54 9.78 4.78 -6.38
CA LEU C 54 10.33 4.09 -7.52
C LEU C 54 9.80 2.66 -7.61
N ALA C 55 9.36 2.29 -8.80
CA ALA C 55 8.86 0.94 -9.05
C ALA C 55 9.91 0.11 -9.79
N SER C 56 11.00 0.78 -10.19
CA SER C 56 12.08 0.12 -10.90
C SER C 56 13.30 1.03 -11.01
N GLY C 57 14.47 0.42 -11.14
CA GLY C 57 15.68 1.15 -11.46
C GLY C 57 16.26 2.01 -10.36
N THR C 58 16.78 3.16 -10.76
CA THR C 58 17.49 4.05 -9.85
C THR C 58 17.00 5.49 -9.99
N LYS C 59 16.85 6.17 -8.86
CA LYS C 59 16.50 7.59 -8.86
C LYS C 59 17.46 8.37 -7.97
N GLU C 60 17.76 9.60 -8.37
CA GLU C 60 18.69 10.44 -7.63
C GLU C 60 18.05 11.77 -7.25
N ASN C 61 18.18 12.14 -5.99
CA ASN C 61 17.58 13.37 -5.48
C ASN C 61 18.54 14.09 -4.55
N GLY C 62 19.29 15.04 -5.10
CA GLY C 62 20.26 15.79 -4.32
C GLY C 62 21.37 14.91 -3.78
N ARG C 63 21.53 14.90 -2.46
CA ARG C 63 22.56 14.10 -1.81
C ARG C 63 22.09 12.68 -1.54
N LEU C 64 20.86 12.38 -1.96
CA LEU C 64 20.29 11.05 -1.79
C LEU C 64 20.23 10.29 -3.11
N LYS C 65 20.22 8.97 -3.02
CA LYS C 65 20.13 8.10 -4.18
C LYS C 65 19.47 6.79 -3.78
N SER C 66 18.58 6.29 -4.63
CA SER C 66 17.81 5.09 -4.29
C SER C 66 17.71 4.13 -5.48
N THR C 67 17.84 2.84 -5.19
CA THR C 67 17.70 1.81 -6.20
C THR C 67 16.68 0.77 -5.75
N PHE C 68 15.86 0.30 -6.67
CA PHE C 68 14.87 -0.74 -6.38
C PHE C 68 14.82 -1.79 -7.47
N ASN C 69 15.00 -3.05 -7.08
CA ASN C 69 14.93 -4.17 -8.00
C ASN C 69 13.81 -5.13 -7.63
N SER C 70 12.78 -5.18 -8.47
CA SER C 70 11.59 -5.97 -8.19
C SER C 70 11.86 -7.47 -8.18
N LYS C 71 12.66 -7.93 -9.14
CA LYS C 71 12.94 -9.36 -9.28
C LYS C 71 13.66 -9.92 -8.06
N GLU C 72 14.72 -9.25 -7.63
CA GLU C 72 15.49 -9.70 -6.48
C GLU C 72 14.82 -9.29 -5.17
N SER C 73 13.75 -8.51 -5.28
CA SER C 73 12.92 -8.12 -4.14
C SER C 73 13.73 -7.40 -3.06
N TYR C 74 14.41 -6.33 -3.44
CA TYR C 74 15.17 -5.52 -2.49
C TYR C 74 15.27 -4.07 -2.96
N SER C 75 15.49 -3.17 -2.02
CA SER C 75 15.69 -1.76 -2.36
C SER C 75 16.75 -1.13 -1.46
N THR C 76 17.44 -0.12 -1.98
CA THR C 76 18.49 0.55 -1.22
C THR C 76 18.32 2.07 -1.22
N LEU C 77 18.96 2.72 -0.26
CA LEU C 77 19.01 4.18 -0.20
C LEU C 77 20.41 4.63 0.17
N HIS C 78 21.03 5.41 -0.70
CA HIS C 78 22.39 5.89 -0.46
C HIS C 78 22.40 7.35 -0.03
N ILE C 79 23.14 7.64 1.04
CA ILE C 79 23.29 8.99 1.55
C ILE C 79 24.75 9.42 1.48
N ARG C 80 25.03 10.51 0.77
CA ARG C 80 26.38 11.02 0.66
C ARG C 80 26.49 12.43 1.21
N ASP C 81 27.68 12.80 1.70
CA ASP C 81 27.94 14.13 2.22
C ASP C 81 26.92 14.49 3.31
N ALA C 82 26.96 13.74 4.41
CA ALA C 82 25.95 13.84 5.45
C ALA C 82 25.93 15.22 6.11
N GLN C 83 24.72 15.77 6.24
CA GLN C 83 24.51 17.05 6.89
C GLN C 83 23.72 16.87 8.18
N LEU C 84 23.64 17.93 8.99
CA LEU C 84 22.94 17.86 10.26
C LEU C 84 21.46 17.56 10.08
N GLU C 85 20.86 18.13 9.05
CA GLU C 85 19.43 17.98 8.82
C GLU C 85 19.07 16.58 8.31
N ASP C 86 20.07 15.77 8.01
CA ASP C 86 19.84 14.41 7.54
C ASP C 86 19.41 13.50 8.69
N SER C 87 19.61 13.95 9.92
CA SER C 87 19.25 13.19 11.11
C SER C 87 17.77 12.82 11.10
N GLY C 88 17.44 11.71 11.76
CA GLY C 88 16.08 11.22 11.80
C GLY C 88 16.02 9.74 11.57
N THR C 89 14.82 9.18 11.60
CA THR C 89 14.65 7.75 11.35
C THR C 89 14.17 7.53 9.92
N TYR C 90 14.92 6.73 9.18
CA TYR C 90 14.61 6.47 7.77
C TYR C 90 13.81 5.20 7.62
N PHE C 91 12.69 5.29 6.90
CA PHE C 91 11.83 4.14 6.66
C PHE C 91 11.71 3.84 5.18
N CYS C 92 11.69 2.56 4.84
CA CYS C 92 11.26 2.13 3.52
C CYS C 92 9.85 1.58 3.65
N ALA C 93 9.05 1.73 2.59
CA ALA C 93 7.69 1.22 2.61
C ALA C 93 7.26 0.82 1.21
N ALA C 94 6.51 -0.26 1.10
CA ALA C 94 6.11 -0.78 -0.20
C ALA C 94 4.69 -1.34 -0.21
N LEU C 95 4.12 -1.49 -1.41
CA LEU C 95 2.81 -2.10 -1.58
C LEU C 95 2.96 -3.58 -1.94
N ARG C 96 2.36 -4.46 -1.16
CA ARG C 96 2.35 -5.88 -1.52
C ARG C 96 1.51 -6.10 -2.78
N ALA C 97 2.16 -6.55 -3.85
CA ALA C 97 1.45 -6.82 -5.10
C ALA C 97 0.50 -8.00 -4.92
N THR C 98 0.72 -8.78 -3.87
CA THR C 98 -0.15 -9.90 -3.55
C THR C 98 -1.10 -9.58 -2.40
N GLY C 99 -1.00 -8.36 -1.89
CA GLY C 99 -1.82 -7.93 -0.77
C GLY C 99 -3.17 -7.36 -1.18
N GLY C 100 -4.23 -7.83 -0.53
CA GLY C 100 -5.57 -7.36 -0.81
C GLY C 100 -5.82 -5.97 -0.24
N ASN C 101 -5.32 -5.73 0.97
CA ASN C 101 -5.41 -4.40 1.57
C ASN C 101 -4.44 -3.44 0.90
N ASN C 102 -4.98 -2.34 0.36
CA ASN C 102 -4.15 -1.30 -0.24
C ASN C 102 -3.48 -0.47 0.85
N LYS C 103 -2.19 -0.73 1.07
CA LYS C 103 -1.46 -0.10 2.17
C LYS C 103 0.04 -0.21 2.00
N LEU C 104 0.77 0.71 2.62
CA LEU C 104 2.22 0.61 2.68
C LEU C 104 2.64 -0.33 3.80
N THR C 105 3.54 -1.27 3.50
CA THR C 105 4.15 -2.08 4.55
C THR C 105 5.52 -1.49 4.87
N PHE C 106 5.71 -1.13 6.14
CA PHE C 106 6.90 -0.39 6.54
C PHE C 106 8.04 -1.28 7.02
N GLY C 107 9.28 -0.79 6.88
CA GLY C 107 10.44 -1.47 7.41
C GLY C 107 10.65 -1.16 8.88
N GLN C 108 11.60 -1.85 9.51
CA GLN C 108 11.88 -1.65 10.93
C GLN C 108 12.39 -0.23 11.20
N GLY C 109 13.15 0.31 10.24
CA GLY C 109 13.64 1.67 10.34
C GLY C 109 15.10 1.78 10.66
N THR C 110 15.74 2.83 10.13
CA THR C 110 17.14 3.11 10.43
C THR C 110 17.26 4.45 11.15
N VAL C 111 17.58 4.42 12.42
CA VAL C 111 17.79 5.65 13.18
C VAL C 111 19.17 6.20 12.87
N LEU C 112 19.21 7.27 12.07
CA LEU C 112 20.45 7.85 11.61
C LEU C 112 20.84 9.10 12.42
N SER C 113 22.05 9.09 12.97
CA SER C 113 22.57 10.23 13.71
C SER C 113 23.78 10.81 12.98
N VAL C 114 23.83 12.13 12.87
CA VAL C 114 24.95 12.79 12.20
C VAL C 114 25.87 13.47 13.20
N ILE C 115 27.11 12.99 13.27
CA ILE C 115 28.10 13.55 14.17
C ILE C 115 28.61 14.89 13.65
N PRO C 116 28.34 15.97 14.40
CA PRO C 116 28.76 17.31 13.99
C PRO C 116 30.29 17.46 14.01
N ASP C 117 30.84 18.12 12.99
CA ASP C 117 32.27 18.34 12.92
C ASP C 117 32.65 19.67 13.56
N ILE C 118 33.20 19.61 14.77
CA ILE C 118 33.67 20.80 15.47
C ILE C 118 35.10 21.11 15.06
N GLN C 119 35.31 22.28 14.45
CA GLN C 119 36.59 22.64 13.88
C GLN C 119 37.56 23.22 14.91
N ASN C 120 37.06 24.15 15.73
CA ASN C 120 37.88 24.77 16.77
C ASN C 120 37.24 24.64 18.14
N PRO C 121 37.38 23.46 18.77
CA PRO C 121 36.79 23.17 20.08
C PRO C 121 37.26 24.14 21.15
N ASP C 122 36.38 24.46 22.09
CA ASP C 122 36.75 25.33 23.21
C ASP C 122 35.96 24.96 24.46
N PRO C 123 36.17 23.72 24.97
CA PRO C 123 35.39 23.16 26.09
C PRO C 123 35.36 24.07 27.30
N ALA C 124 34.17 24.36 27.79
CA ALA C 124 34.01 25.22 28.95
C ALA C 124 32.71 24.94 29.69
N VAL C 125 32.68 25.28 30.97
CA VAL C 125 31.47 25.15 31.77
C VAL C 125 31.11 26.50 32.37
N TYR C 126 29.99 27.05 31.96
CA TYR C 126 29.58 28.38 32.41
C TYR C 126 28.40 28.32 33.37
N GLN C 127 28.20 29.39 34.13
CA GLN C 127 27.06 29.48 35.04
C GLN C 127 26.11 30.59 34.61
N LEU C 128 24.85 30.22 34.41
CA LEU C 128 23.85 31.14 33.87
C LEU C 128 22.74 31.41 34.89
N ARG C 129 22.54 32.68 35.23
CA ARG C 129 21.55 33.05 36.24
C ARG C 129 20.15 33.21 35.65
N ASP C 130 19.15 32.94 36.49
CA ASP C 130 17.75 33.16 36.12
C ASP C 130 17.50 34.65 35.90
N SER C 131 16.70 34.96 34.89
CA SER C 131 16.37 36.34 34.57
C SER C 131 15.32 36.91 35.53
N LYS C 132 14.48 36.03 36.07
CA LYS C 132 13.35 36.46 36.89
C LYS C 132 13.55 36.17 38.38
N SER C 133 14.62 35.48 38.73
CA SER C 133 14.92 35.21 40.13
C SER C 133 16.40 35.34 40.44
N SER C 134 16.74 35.36 41.72
CA SER C 134 18.12 35.58 42.15
C SER C 134 18.75 34.33 42.75
N ASP C 135 17.95 33.27 42.91
CA ASP C 135 18.43 32.05 43.53
C ASP C 135 18.71 30.92 42.53
N LYS C 136 17.96 30.92 41.42
CA LYS C 136 18.05 29.84 40.44
C LYS C 136 19.12 30.10 39.38
N SER C 137 19.82 29.04 39.00
CA SER C 137 20.82 29.11 37.94
C SER C 137 21.07 27.75 37.31
N VAL C 138 21.62 27.75 36.10
CA VAL C 138 21.94 26.51 35.40
C VAL C 138 23.42 26.45 34.99
N CYS C 139 23.89 25.26 34.65
CA CYS C 139 25.27 25.07 34.21
C CYS C 139 25.31 24.66 32.75
N LEU C 140 26.23 25.26 31.99
CA LEU C 140 26.32 25.02 30.56
C LEU C 140 27.69 24.50 30.16
N PHE C 141 27.76 23.21 29.82
CA PHE C 141 28.96 22.62 29.26
C PHE C 141 28.86 22.74 27.74
N THR C 142 29.71 23.56 27.14
CA THR C 142 29.58 23.89 25.73
C THR C 142 30.89 23.88 24.96
N ASP C 143 30.78 23.94 23.63
CA ASP C 143 31.91 24.07 22.71
C ASP C 143 32.87 22.88 22.76
N PHE C 144 32.42 21.76 23.32
CA PHE C 144 33.20 20.53 23.27
C PHE C 144 32.96 19.85 21.94
N ASP C 145 33.97 19.13 21.44
CA ASP C 145 33.82 18.44 20.17
C ASP C 145 32.95 17.20 20.35
N SER C 146 32.48 16.65 19.24
CA SER C 146 31.45 15.62 19.25
C SER C 146 31.91 14.29 19.82
N GLN C 147 33.23 14.13 19.97
CA GLN C 147 33.79 12.90 20.55
C GLN C 147 33.29 12.69 21.98
N THR C 148 33.18 13.78 22.73
CA THR C 148 32.81 13.73 24.14
C THR C 148 31.35 13.29 24.34
N ASN C 149 31.15 12.33 25.23
CA ASN C 149 29.82 11.91 25.61
C ASN C 149 29.39 12.57 26.93
N VAL C 150 28.10 12.88 27.04
CA VAL C 150 27.57 13.46 28.26
C VAL C 150 26.76 12.44 29.05
N SER C 151 27.38 11.89 30.10
CA SER C 151 26.72 10.88 30.93
C SER C 151 25.69 11.52 31.84
N GLN C 152 24.57 10.81 32.05
CA GLN C 152 23.49 11.32 32.87
C GLN C 152 23.85 11.22 34.35
N SER C 153 23.26 12.09 35.17
CA SER C 153 23.62 12.18 36.58
C SER C 153 23.21 10.94 37.35
N LYS C 154 23.74 10.81 38.56
CA LYS C 154 23.45 9.67 39.42
C LYS C 154 22.85 10.11 40.75
N ASP C 155 22.92 11.40 41.03
CA ASP C 155 22.48 11.95 42.30
C ASP C 155 20.95 11.98 42.42
N SER C 156 20.27 12.04 41.28
CA SER C 156 18.81 12.11 41.21
C SER C 156 18.24 13.37 41.87
N ASP C 157 19.13 14.23 42.36
CA ASP C 157 18.76 15.54 42.85
C ASP C 157 19.29 16.57 41.87
N VAL C 158 20.27 16.16 41.07
CA VAL C 158 20.79 16.99 40.00
C VAL C 158 20.35 16.45 38.65
N TYR C 159 20.14 17.34 37.69
CA TYR C 159 19.59 16.95 36.40
C TYR C 159 20.53 17.35 35.27
N ILE C 160 20.85 16.38 34.41
CA ILE C 160 21.75 16.62 33.29
C ILE C 160 21.10 16.19 32.00
N THR C 161 21.01 17.11 31.04
CA THR C 161 20.46 16.81 29.73
C THR C 161 21.55 16.25 28.82
N ASP C 162 21.14 15.58 27.75
CA ASP C 162 22.10 15.09 26.78
C ASP C 162 22.61 16.24 25.92
N LYS C 163 23.71 16.01 25.21
CA LYS C 163 24.27 17.02 24.35
C LYS C 163 23.36 17.33 23.17
N CYS C 164 23.43 18.57 22.69
CA CYS C 164 22.66 19.02 21.55
C CYS C 164 23.51 19.97 20.72
N VAL C 165 23.44 19.85 19.41
CA VAL C 165 24.21 20.74 18.55
C VAL C 165 23.32 21.85 18.00
N LEU C 166 23.81 23.09 18.08
CA LEU C 166 23.11 24.21 17.48
C LEU C 166 23.93 24.78 16.32
N ASP C 167 23.25 25.46 15.41
CA ASP C 167 23.90 26.00 14.22
C ASP C 167 23.59 27.47 14.04
N MET C 168 24.57 28.33 14.34
CA MET C 168 24.46 29.74 14.02
C MET C 168 24.78 29.91 12.53
N ARG C 169 23.75 29.77 11.71
CA ARG C 169 23.91 29.64 10.26
C ARG C 169 24.62 30.82 9.61
N SER C 170 24.26 32.03 10.06
CA SER C 170 24.81 33.25 9.48
C SER C 170 26.32 33.34 9.67
N MET C 171 26.82 32.76 10.75
CA MET C 171 28.25 32.78 11.06
C MET C 171 28.91 31.47 10.64
N ASP C 172 28.11 30.56 10.08
CA ASP C 172 28.56 29.22 9.73
C ASP C 172 29.29 28.58 10.90
N PHE C 173 28.62 28.57 12.04
CA PHE C 173 29.21 28.10 13.28
C PHE C 173 28.35 27.00 13.90
N LYS C 174 29.00 26.03 14.53
CA LYS C 174 28.29 24.92 15.17
C LYS C 174 28.88 24.65 16.55
N SER C 175 28.04 24.34 17.52
CA SER C 175 28.51 24.01 18.85
C SER C 175 27.61 23.02 19.58
N ASN C 176 28.22 22.13 20.36
CA ASN C 176 27.49 21.20 21.21
C ASN C 176 27.38 21.75 22.62
N SER C 177 26.28 21.45 23.30
CA SER C 177 26.14 21.84 24.70
C SER C 177 25.22 20.92 25.49
N ALA C 178 25.47 20.83 26.79
CA ALA C 178 24.63 20.08 27.71
C ALA C 178 24.31 20.93 28.93
N VAL C 179 23.06 20.87 29.38
CA VAL C 179 22.61 21.69 30.51
C VAL C 179 22.49 20.86 31.79
N ALA C 180 23.00 21.43 32.89
CA ALA C 180 22.88 20.79 34.19
C ALA C 180 22.37 21.77 35.23
N TRP C 181 21.38 21.35 36.03
CA TRP C 181 20.87 22.19 37.09
C TRP C 181 20.46 21.36 38.31
N SER C 182 20.33 22.02 39.46
CA SER C 182 19.92 21.36 40.68
C SER C 182 19.17 22.32 41.59
N ASN C 183 18.18 21.79 42.31
CA ASN C 183 17.37 22.59 43.22
C ASN C 183 18.19 23.21 44.35
N LYS C 184 19.00 22.37 44.99
CA LYS C 184 19.77 22.77 46.16
C LYS C 184 20.68 21.62 46.58
N SER C 185 21.82 21.91 47.22
CA SER C 185 22.35 23.26 47.43
C SER C 185 23.88 23.17 47.41
N ASP C 186 24.36 21.95 47.64
CA ASP C 186 25.79 21.63 47.60
C ASP C 186 26.30 21.67 46.16
N PHE C 187 25.36 21.64 45.22
CA PHE C 187 25.66 21.59 43.79
C PHE C 187 26.41 22.83 43.29
N ALA C 188 27.47 22.59 42.52
CA ALA C 188 28.23 23.65 41.88
C ALA C 188 28.58 23.23 40.46
N CYS C 189 28.91 24.20 39.61
CA CYS C 189 29.20 23.92 38.21
C CYS C 189 30.51 23.16 38.01
N ALA C 190 31.42 23.31 38.96
CA ALA C 190 32.72 22.65 38.87
C ALA C 190 32.58 21.14 39.07
N ASN C 191 31.44 20.72 39.61
CA ASN C 191 31.18 19.30 39.86
C ASN C 191 29.95 18.82 39.11
N ALA C 192 29.47 19.62 38.17
CA ALA C 192 28.23 19.33 37.48
C ALA C 192 28.37 18.16 36.51
N PHE C 193 29.37 18.21 35.65
CA PHE C 193 29.55 17.19 34.61
C PHE C 193 30.70 16.26 34.94
N ASN C 194 30.69 15.72 36.15
CA ASN C 194 31.74 14.79 36.58
C ASN C 194 31.24 13.38 36.75
N ASN C 195 30.04 13.12 36.26
CA ASN C 195 29.57 11.75 36.07
C ASN C 195 29.96 11.31 34.66
N SER C 196 30.48 12.27 33.90
CA SER C 196 30.96 12.03 32.55
C SER C 196 32.43 12.42 32.42
N ILE C 197 33.04 12.09 31.29
CA ILE C 197 34.44 12.43 31.05
C ILE C 197 34.56 13.67 30.18
N ILE C 198 34.85 14.80 30.80
CA ILE C 198 35.05 16.05 30.08
C ILE C 198 36.54 16.27 29.83
N PRO C 199 36.88 16.98 28.73
CA PRO C 199 38.27 17.26 28.39
C PRO C 199 39.07 17.90 29.52
N GLU C 200 40.38 17.65 29.53
CA GLU C 200 41.25 18.14 30.59
C GLU C 200 41.44 19.65 30.52
N ASP C 201 41.43 20.19 29.31
CA ASP C 201 41.65 21.61 29.09
C ASP C 201 40.34 22.40 29.09
N THR C 202 39.34 21.88 29.80
CA THR C 202 38.05 22.54 29.91
C THR C 202 38.18 23.85 30.68
N PHE C 203 37.62 24.92 30.11
CA PHE C 203 37.70 26.23 30.74
C PHE C 203 36.68 26.38 31.86
N PHE C 204 37.18 26.48 33.09
CA PHE C 204 36.34 26.68 34.26
C PHE C 204 36.54 28.07 34.86
N PRO C 205 35.64 29.01 34.55
CA PRO C 205 35.69 30.38 35.08
C PRO C 205 35.61 30.40 36.60
N SER C 206 36.06 31.49 37.21
CA SER C 206 36.02 31.62 38.66
C SER C 206 34.99 32.65 39.10
N PRO C 207 33.78 32.19 39.45
CA PRO C 207 32.68 33.08 39.88
C PRO C 207 33.01 33.85 41.15
N ASP D 2 4.24 21.22 -3.66
CA ASP D 2 4.25 19.96 -2.94
C ASP D 2 2.97 19.76 -2.14
N PRO D 3 2.47 18.51 -2.10
CA PRO D 3 1.29 18.18 -1.29
C PRO D 3 1.53 18.37 0.20
N LYS D 4 0.61 19.05 0.86
CA LYS D 4 0.66 19.23 2.31
C LYS D 4 -0.59 18.65 2.94
N VAL D 5 -0.40 17.79 3.95
CA VAL D 5 -1.52 17.21 4.67
C VAL D 5 -1.57 17.80 6.08
N ILE D 6 -2.74 18.28 6.47
CA ILE D 6 -2.91 18.93 7.76
C ILE D 6 -3.56 17.98 8.76
N GLN D 7 -3.01 17.92 9.97
CA GLN D 7 -3.58 17.10 11.03
C GLN D 7 -3.65 17.86 12.34
N THR D 8 -4.78 17.74 13.02
CA THR D 8 -4.99 18.36 14.33
C THR D 8 -5.72 17.38 15.25
N PRO D 9 -5.38 17.40 16.55
CA PRO D 9 -4.33 18.20 17.16
C PRO D 9 -2.97 17.51 17.09
N ARG D 10 -1.89 18.26 17.28
CA ARG D 10 -0.56 17.67 17.24
C ARG D 10 -0.39 16.62 18.33
N TYR D 11 -0.75 17.00 19.55
CA TYR D 11 -0.76 16.07 20.69
C TYR D 11 -2.19 15.93 21.20
N LEU D 12 -2.45 14.86 21.94
CA LEU D 12 -3.76 14.64 22.53
C LEU D 12 -3.69 13.66 23.69
N VAL D 13 -4.23 14.05 24.84
CA VAL D 13 -4.28 13.15 25.99
C VAL D 13 -5.74 12.87 26.38
N LYS D 14 -6.03 11.62 26.68
CA LYS D 14 -7.37 11.21 27.04
C LYS D 14 -7.35 10.18 28.17
N GLY D 15 -8.40 10.14 28.97
CA GLY D 15 -8.55 9.13 29.99
C GLY D 15 -9.23 7.90 29.41
N GLN D 16 -9.01 6.75 30.02
CA GLN D 16 -9.64 5.50 29.55
C GLN D 16 -11.15 5.64 29.48
N GLY D 17 -11.72 5.29 28.33
CA GLY D 17 -13.16 5.33 28.16
C GLY D 17 -13.64 6.56 27.43
N GLN D 18 -12.81 7.59 27.38
CA GLN D 18 -13.15 8.82 26.67
C GLN D 18 -12.98 8.65 25.16
N LYS D 19 -13.81 9.35 24.40
CA LYS D 19 -13.64 9.39 22.95
C LYS D 19 -12.36 10.14 22.60
N ALA D 20 -11.71 9.73 21.53
CA ALA D 20 -10.51 10.41 21.04
C ALA D 20 -10.65 10.73 19.56
N LYS D 21 -11.04 11.96 19.25
CA LYS D 21 -11.26 12.38 17.87
C LYS D 21 -10.03 13.07 17.29
N MET D 22 -9.70 12.72 16.05
CA MET D 22 -8.57 13.30 15.35
C MET D 22 -9.00 13.75 13.97
N ARG D 23 -8.53 14.91 13.54
CA ARG D 23 -8.96 15.47 12.26
C ARG D 23 -7.82 15.48 11.25
N CYS D 24 -8.19 15.41 9.97
CA CYS D 24 -7.20 15.40 8.90
C CYS D 24 -7.73 16.12 7.66
N ILE D 25 -6.87 16.90 7.02
CA ILE D 25 -7.23 17.54 5.76
C ILE D 25 -6.27 17.11 4.67
N PRO D 26 -6.74 16.22 3.77
CA PRO D 26 -5.90 15.73 2.69
C PRO D 26 -5.49 16.84 1.72
N GLU D 27 -4.42 16.60 0.97
CA GLU D 27 -3.98 17.53 -0.06
C GLU D 27 -5.10 17.80 -1.04
N LYS D 28 -5.27 19.07 -1.41
CA LYS D 28 -6.30 19.47 -2.36
C LYS D 28 -6.17 18.67 -3.66
N GLY D 29 -7.25 18.00 -4.04
CA GLY D 29 -7.27 17.23 -5.27
C GLY D 29 -7.01 15.74 -5.08
N HIS D 30 -6.73 15.34 -3.85
CA HIS D 30 -6.47 13.93 -3.55
C HIS D 30 -7.74 13.22 -3.07
N PRO D 31 -8.23 12.25 -3.87
CA PRO D 31 -9.46 11.54 -3.55
C PRO D 31 -9.27 10.39 -2.56
N VAL D 32 -8.02 9.97 -2.36
CA VAL D 32 -7.74 8.80 -1.54
C VAL D 32 -7.02 9.16 -0.25
N VAL D 33 -7.55 8.69 0.88
CA VAL D 33 -7.00 8.99 2.19
C VAL D 33 -6.73 7.71 2.99
N PHE D 34 -5.58 7.65 3.66
CA PHE D 34 -5.22 6.52 4.49
C PHE D 34 -5.07 6.92 5.95
N TRP D 35 -5.21 5.96 6.85
CA TRP D 35 -4.88 6.17 8.27
C TRP D 35 -3.97 5.04 8.76
N TYR D 36 -2.88 5.41 9.44
CA TYR D 36 -1.96 4.43 10.01
C TYR D 36 -1.74 4.66 11.50
N GLN D 37 -1.30 3.62 12.20
CA GLN D 37 -0.86 3.72 13.58
C GLN D 37 0.65 3.49 13.68
N GLN D 38 1.36 4.40 14.33
CA GLN D 38 2.78 4.20 14.60
C GLN D 38 3.05 4.19 16.10
N ASN D 39 3.45 3.04 16.63
CA ASN D 39 3.73 2.92 18.05
C ASN D 39 5.17 3.31 18.38
N LYS D 40 5.54 3.14 19.65
CA LYS D 40 6.87 3.52 20.12
C LYS D 40 7.97 2.66 19.52
N ASN D 41 7.59 1.50 18.99
CA ASN D 41 8.56 0.58 18.41
C ASN D 41 8.68 0.75 16.90
N ASN D 42 8.27 1.91 16.41
CA ASN D 42 8.32 2.23 14.99
C ASN D 42 7.58 1.22 14.11
N GLU D 43 6.59 0.56 14.70
CA GLU D 43 5.74 -0.36 13.96
C GLU D 43 4.54 0.38 13.38
N PHE D 44 4.27 0.16 12.10
CA PHE D 44 3.16 0.83 11.43
C PHE D 44 2.01 -0.14 11.18
N LYS D 45 0.80 0.27 11.53
CA LYS D 45 -0.38 -0.56 11.30
C LYS D 45 -1.47 0.20 10.54
N PHE D 46 -1.88 -0.36 9.41
CA PHE D 46 -2.94 0.24 8.60
C PHE D 46 -4.29 0.13 9.27
N LEU D 47 -5.05 1.22 9.25
CA LEU D 47 -6.33 1.28 9.94
C LEU D 47 -7.51 1.31 8.98
N ILE D 48 -7.48 2.22 8.02
CA ILE D 48 -8.60 2.43 7.11
C ILE D 48 -8.21 3.31 5.93
N ASN D 49 -8.83 3.08 4.77
CA ASN D 49 -8.63 3.95 3.63
C ASN D 49 -9.95 4.44 3.03
N PHE D 50 -9.88 5.55 2.31
CA PHE D 50 -11.07 6.19 1.74
C PHE D 50 -10.91 6.44 0.25
N GLN D 51 -12.01 6.37 -0.49
CA GLN D 51 -12.07 6.96 -1.82
C GLN D 51 -13.18 8.00 -1.80
N ASN D 52 -12.79 9.27 -1.74
CA ASN D 52 -13.70 10.36 -1.47
C ASN D 52 -14.43 10.15 -0.14
N GLN D 53 -15.75 10.09 -0.19
CA GLN D 53 -16.54 9.96 1.03
C GLN D 53 -16.69 8.51 1.48
N GLU D 54 -16.33 7.57 0.62
CA GLU D 54 -16.62 6.17 0.88
C GLU D 54 -15.45 5.39 1.49
N VAL D 55 -15.72 4.72 2.61
CA VAL D 55 -14.79 3.75 3.18
C VAL D 55 -14.65 2.58 2.23
N LEU D 56 -13.42 2.25 1.84
CA LEU D 56 -13.19 1.12 0.95
C LEU D 56 -12.65 -0.08 1.71
N GLN D 57 -11.65 0.16 2.57
CA GLN D 57 -11.04 -0.93 3.33
C GLN D 57 -10.73 -0.51 4.76
N GLN D 58 -10.90 -1.44 5.69
CA GLN D 58 -10.53 -1.23 7.09
C GLN D 58 -10.31 -2.56 7.79
N ILE D 59 -9.37 -2.58 8.73
CA ILE D 59 -9.13 -3.78 9.51
C ILE D 59 -10.23 -3.96 10.55
N ASP D 60 -10.23 -5.12 11.20
CA ASP D 60 -11.29 -5.48 12.15
C ASP D 60 -11.38 -4.54 13.34
N MET D 61 -10.22 -4.13 13.86
CA MET D 61 -10.17 -3.23 15.02
C MET D 61 -10.85 -1.90 14.72
N THR D 62 -10.70 -1.42 13.49
CA THR D 62 -11.23 -0.13 13.08
C THR D 62 -12.77 -0.16 13.00
N GLU D 63 -13.31 -1.27 12.53
CA GLU D 63 -14.75 -1.40 12.38
C GLU D 63 -15.47 -1.51 13.73
N LYS D 64 -14.78 -2.11 14.70
CA LYS D 64 -15.39 -2.35 16.01
C LYS D 64 -15.16 -1.21 17.00
N ARG D 65 -13.98 -0.61 16.96
CA ARG D 65 -13.58 0.35 17.99
C ARG D 65 -13.45 1.78 17.48
N PHE D 66 -13.36 1.95 16.17
CA PHE D 66 -13.13 3.27 15.58
C PHE D 66 -14.33 3.73 14.76
N SER D 67 -14.39 5.04 14.52
CA SER D 67 -15.40 5.62 13.66
C SER D 67 -14.77 6.68 12.76
N ALA D 68 -14.54 6.32 11.50
CA ALA D 68 -13.86 7.21 10.56
C ALA D 68 -14.84 7.80 9.55
N GLU D 69 -14.49 8.99 9.05
CA GLU D 69 -15.38 9.75 8.19
C GLU D 69 -14.61 10.71 7.30
N CYS D 70 -15.01 10.82 6.04
CA CYS D 70 -14.41 11.78 5.12
C CYS D 70 -15.47 12.52 4.31
N PRO D 71 -16.29 13.33 4.99
CA PRO D 71 -17.37 14.01 4.26
C PRO D 71 -16.89 15.27 3.57
N SER D 72 -17.67 15.75 2.60
CA SER D 72 -17.50 17.12 2.13
C SER D 72 -18.03 18.00 3.24
N ASN D 73 -17.73 19.31 3.17
CA ASN D 73 -18.20 20.30 4.15
C ASN D 73 -17.52 20.16 5.52
N SER D 74 -16.62 19.19 5.65
CA SER D 74 -15.95 18.92 6.91
C SER D 74 -14.64 18.17 6.69
N PRO D 75 -13.63 18.40 7.56
CA PRO D 75 -12.37 17.66 7.42
C PRO D 75 -12.56 16.18 7.74
N CYS D 76 -11.67 15.34 7.21
CA CYS D 76 -11.68 13.93 7.55
C CYS D 76 -11.46 13.76 9.06
N SER D 77 -12.00 12.70 9.63
CA SER D 77 -11.78 12.45 11.05
C SER D 77 -11.73 10.96 11.39
N LEU D 78 -10.93 10.64 12.40
CA LEU D 78 -10.87 9.31 12.98
C LEU D 78 -11.15 9.42 14.47
N GLU D 79 -12.05 8.59 14.99
CA GLU D 79 -12.43 8.70 16.40
C GLU D 79 -12.51 7.37 17.12
N ILE D 80 -11.70 7.24 18.17
CA ILE D 80 -11.81 6.11 19.09
C ILE D 80 -12.98 6.33 20.02
N GLN D 81 -13.91 5.39 20.06
CA GLN D 81 -15.12 5.55 20.87
C GLN D 81 -14.84 5.35 22.36
N SER D 82 -13.95 4.43 22.67
CA SER D 82 -13.57 4.16 24.06
C SER D 82 -12.06 3.94 24.15
N SER D 83 -11.34 4.99 24.51
CA SER D 83 -9.88 4.96 24.51
C SER D 83 -9.33 3.95 25.51
N GLU D 84 -8.38 3.14 25.06
CA GLU D 84 -7.66 2.21 25.92
C GLU D 84 -6.18 2.54 25.90
N ALA D 85 -5.43 2.00 26.86
CA ALA D 85 -4.00 2.27 26.96
C ALA D 85 -3.25 1.83 25.70
N GLY D 86 -3.70 0.73 25.10
CA GLY D 86 -3.06 0.20 23.91
C GLY D 86 -3.29 1.01 22.65
N ASP D 87 -4.08 2.08 22.78
CA ASP D 87 -4.37 2.95 21.63
C ASP D 87 -3.33 4.04 21.49
N SER D 88 -2.50 4.21 22.51
CA SER D 88 -1.49 5.27 22.51
C SER D 88 -0.48 5.08 21.39
N ALA D 89 -0.50 6.00 20.43
CA ALA D 89 0.39 5.94 19.27
C ALA D 89 0.35 7.24 18.48
N LEU D 90 1.20 7.33 17.46
CA LEU D 90 1.16 8.43 16.51
C LEU D 90 0.24 8.07 15.36
N TYR D 91 -0.93 8.70 15.31
CA TYR D 91 -1.90 8.41 14.26
C TYR D 91 -1.62 9.26 13.03
N LEU D 92 -1.17 8.60 11.98
CA LEU D 92 -0.77 9.28 10.76
C LEU D 92 -1.89 9.28 9.73
N CYS D 93 -2.05 10.40 9.05
CA CYS D 93 -2.99 10.49 7.94
C CYS D 93 -2.22 10.72 6.65
N ALA D 94 -2.56 9.98 5.61
CA ALA D 94 -1.88 10.11 4.33
C ALA D 94 -2.90 10.27 3.21
N SER D 95 -2.58 11.12 2.24
CA SER D 95 -3.44 11.25 1.07
C SER D 95 -2.66 10.89 -0.19
N SER D 96 -3.39 10.53 -1.23
CA SER D 96 -2.77 10.14 -2.49
C SER D 96 -3.60 10.64 -3.65
N LEU D 97 -2.95 10.94 -4.77
CA LEU D 97 -3.66 11.36 -5.97
C LEU D 97 -4.37 10.16 -6.59
N ASN D 98 -3.82 8.97 -6.40
CA ASN D 98 -4.37 7.76 -6.95
C ASN D 98 -4.70 6.71 -5.89
N TRP D 99 -5.36 5.64 -6.31
CA TRP D 99 -5.77 4.58 -5.41
C TRP D 99 -4.58 3.80 -4.87
N SER D 100 -3.73 3.29 -5.77
CA SER D 100 -2.56 2.53 -5.36
C SER D 100 -1.39 2.72 -6.33
N GLN D 101 -1.46 3.75 -7.16
CA GLN D 101 -0.52 3.88 -8.27
C GLN D 101 0.63 4.88 -8.03
N ASP D 102 0.52 5.70 -7.00
CA ASP D 102 1.58 6.68 -6.74
C ASP D 102 1.75 7.02 -5.25
N THR D 103 2.64 7.97 -4.99
CA THR D 103 3.10 8.31 -3.64
C THR D 103 1.99 8.69 -2.67
N GLN D 104 2.08 8.16 -1.46
CA GLN D 104 1.23 8.60 -0.35
C GLN D 104 1.96 9.67 0.46
N TYR D 105 1.28 10.80 0.70
CA TYR D 105 1.88 11.90 1.44
C TYR D 105 1.30 12.01 2.84
N PHE D 106 2.16 11.94 3.85
CA PHE D 106 1.72 11.89 5.24
C PHE D 106 1.69 13.26 5.91
N GLY D 107 0.73 13.44 6.82
CA GLY D 107 0.65 14.64 7.63
C GLY D 107 1.49 14.51 8.88
N PRO D 108 1.44 15.51 9.76
CA PRO D 108 2.24 15.58 10.98
C PRO D 108 1.82 14.55 12.04
N GLY D 109 0.63 14.00 11.89
CA GLY D 109 0.14 12.98 12.80
C GLY D 109 -0.32 13.53 14.14
N THR D 110 -1.15 12.74 14.82
CA THR D 110 -1.60 13.09 16.16
C THR D 110 -1.01 12.13 17.19
N ARG D 111 -0.19 12.66 18.08
CA ARG D 111 0.38 11.86 19.16
C ARG D 111 -0.65 11.68 20.27
N LEU D 112 -1.39 10.57 20.22
CA LEU D 112 -2.39 10.29 21.24
C LEU D 112 -1.79 9.52 22.40
N LEU D 113 -2.12 9.94 23.61
CA LEU D 113 -1.73 9.22 24.82
C LEU D 113 -2.94 8.97 25.69
N VAL D 114 -3.25 7.70 25.93
CA VAL D 114 -4.39 7.35 26.77
C VAL D 114 -3.92 6.90 28.15
N LEU D 115 -4.34 7.64 29.17
CA LEU D 115 -3.96 7.35 30.53
C LEU D 115 -5.11 6.72 31.31
N GLU D 116 -4.81 6.12 32.45
CA GLU D 116 -5.82 5.57 33.33
C GLU D 116 -6.77 6.68 33.78
N ASP D 117 -6.19 7.79 34.21
CA ASP D 117 -6.95 9.00 34.51
C ASP D 117 -6.12 10.24 34.20
N LEU D 118 -6.68 11.41 34.46
CA LEU D 118 -6.00 12.65 34.15
C LEU D 118 -5.66 13.44 35.41
N LYS D 119 -5.44 12.72 36.51
CA LYS D 119 -5.16 13.34 37.79
C LYS D 119 -3.73 13.90 37.84
N ASN D 120 -2.85 13.32 37.04
CA ASN D 120 -1.44 13.68 37.08
C ASN D 120 -0.99 14.51 35.88
N VAL D 121 -1.91 15.27 35.30
CA VAL D 121 -1.57 16.14 34.18
C VAL D 121 -1.13 17.51 34.71
N PHE D 122 0.08 17.92 34.34
CA PHE D 122 0.65 19.16 34.84
C PHE D 122 1.24 20.01 33.72
N PRO D 123 0.97 21.33 33.76
CA PRO D 123 1.60 22.28 32.85
C PRO D 123 3.07 22.45 33.19
N PRO D 124 3.87 23.03 32.29
CA PRO D 124 5.28 23.25 32.59
C PRO D 124 5.53 24.58 33.28
N GLU D 125 6.63 24.67 34.03
CA GLU D 125 7.10 25.94 34.54
C GLU D 125 8.36 26.34 33.77
N VAL D 126 8.34 27.55 33.22
CA VAL D 126 9.39 27.99 32.31
C VAL D 126 10.23 29.13 32.87
N ALA D 127 11.56 28.98 32.78
CA ALA D 127 12.48 30.01 33.20
C ALA D 127 13.59 30.19 32.16
N VAL D 128 13.96 31.44 31.88
CA VAL D 128 15.05 31.74 30.97
C VAL D 128 16.28 32.13 31.76
N PHE D 129 17.44 31.60 31.34
CA PHE D 129 18.69 31.88 32.04
C PHE D 129 19.64 32.68 31.15
N GLU D 130 20.01 33.87 31.63
CA GLU D 130 20.83 34.80 30.87
C GLU D 130 22.27 34.30 30.70
N PRO D 131 22.90 34.69 29.58
CA PRO D 131 24.30 34.36 29.28
C PRO D 131 25.25 34.74 30.41
N SER D 132 26.34 34.00 30.55
CA SER D 132 27.34 34.31 31.56
C SER D 132 28.33 35.33 31.01
N GLU D 133 28.88 36.15 31.89
CA GLU D 133 29.89 37.13 31.51
C GLU D 133 31.14 36.42 30.98
N ALA D 134 31.43 35.26 31.58
CA ALA D 134 32.62 34.48 31.23
C ALA D 134 32.56 33.98 29.80
N GLU D 135 31.38 33.53 29.37
CA GLU D 135 31.22 33.07 27.99
C GLU D 135 31.36 34.22 27.00
N ILE D 136 30.77 35.36 27.35
CA ILE D 136 30.76 36.52 26.48
C ILE D 136 32.18 37.08 26.24
N SER D 137 33.04 36.96 27.24
CA SER D 137 34.40 37.48 27.10
C SER D 137 35.33 36.44 26.49
N HIS D 138 35.02 35.17 26.69
CA HIS D 138 35.88 34.08 26.23
C HIS D 138 35.58 33.66 24.79
N THR D 139 34.34 33.86 24.35
CA THR D 139 33.94 33.40 23.02
C THR D 139 33.28 34.49 22.19
N GLN D 140 32.96 35.61 22.83
CA GLN D 140 32.24 36.71 22.20
C GLN D 140 30.90 36.27 21.62
N LYS D 141 30.35 35.20 22.20
CA LYS D 141 28.99 34.75 21.89
C LYS D 141 28.18 34.68 23.18
N ALA D 142 26.86 34.61 23.05
CA ALA D 142 25.99 34.63 24.22
C ALA D 142 24.90 33.57 24.12
N THR D 143 24.90 32.64 25.08
CA THR D 143 23.92 31.56 25.08
C THR D 143 22.85 31.79 26.14
N LEU D 144 21.58 31.76 25.71
CA LEU D 144 20.45 31.75 26.62
C LEU D 144 19.96 30.32 26.79
N VAL D 145 19.59 29.95 28.01
CA VAL D 145 19.04 28.63 28.26
C VAL D 145 17.59 28.74 28.73
N CYS D 146 16.73 27.89 28.17
CA CYS D 146 15.34 27.80 28.63
C CYS D 146 15.10 26.47 29.32
N LEU D 147 14.35 26.49 30.41
CA LEU D 147 14.04 25.28 31.17
C LEU D 147 12.55 25.12 31.41
N ALA D 148 11.93 24.19 30.68
CA ALA D 148 10.55 23.81 30.96
C ALA D 148 10.55 22.60 31.89
N THR D 149 9.90 22.72 33.04
CA THR D 149 9.98 21.69 34.06
C THR D 149 8.62 21.29 34.65
N GLY D 150 8.58 20.12 35.27
CA GLY D 150 7.42 19.66 36.01
C GLY D 150 6.14 19.48 35.22
N PHE D 151 6.26 19.10 33.95
CA PHE D 151 5.07 18.90 33.13
C PHE D 151 4.82 17.41 32.84
N TYR D 152 3.57 17.10 32.54
CA TYR D 152 3.15 15.74 32.23
C TYR D 152 1.85 15.76 31.45
N PRO D 153 1.78 15.01 30.34
CA PRO D 153 2.88 14.21 29.80
C PRO D 153 3.86 15.05 28.99
N ASP D 154 4.75 14.38 28.25
CA ASP D 154 5.74 15.09 27.43
C ASP D 154 5.14 15.62 26.14
N HIS D 155 3.97 16.24 26.24
CA HIS D 155 3.31 16.85 25.09
C HIS D 155 3.56 18.34 25.06
N VAL D 156 4.80 18.74 24.79
CA VAL D 156 5.15 20.14 24.68
C VAL D 156 5.92 20.45 23.41
N GLU D 157 5.79 21.70 22.95
CA GLU D 157 6.61 22.21 21.86
C GLU D 157 7.24 23.54 22.29
N LEU D 158 8.56 23.60 22.25
CA LEU D 158 9.28 24.79 22.69
C LEU D 158 9.73 25.62 21.50
N SER D 159 9.63 26.94 21.62
CA SER D 159 10.06 27.84 20.57
C SER D 159 10.69 29.11 21.14
N TRP D 160 11.64 29.68 20.40
CA TRP D 160 12.31 30.91 20.80
C TRP D 160 11.82 32.12 20.02
N TRP D 161 11.69 33.25 20.70
CA TRP D 161 11.20 34.47 20.06
C TRP D 161 12.08 35.67 20.38
N VAL D 162 12.68 36.25 19.35
CA VAL D 162 13.52 37.42 19.50
C VAL D 162 12.83 38.65 18.88
N ASN D 163 12.63 39.68 19.71
CA ASN D 163 11.96 40.90 19.29
C ASN D 163 10.58 40.65 18.67
N GLY D 164 9.85 39.69 19.23
CA GLY D 164 8.51 39.38 18.76
C GLY D 164 8.43 38.37 17.62
N LYS D 165 9.58 37.95 17.10
CA LYS D 165 9.61 37.03 15.97
C LYS D 165 10.32 35.71 16.29
N GLU D 166 9.74 34.62 15.80
CA GLU D 166 10.29 33.28 16.05
C GLU D 166 11.58 33.05 15.28
N VAL D 167 12.61 32.57 15.98
CA VAL D 167 13.90 32.31 15.36
C VAL D 167 14.18 30.82 15.32
N HIS D 168 15.06 30.41 14.41
CA HIS D 168 15.41 28.99 14.26
C HIS D 168 16.92 28.80 14.26
N SER D 169 17.64 29.82 13.83
CA SER D 169 19.09 29.80 13.82
C SER D 169 19.64 29.90 15.25
N GLY D 170 20.73 29.19 15.52
CA GLY D 170 21.36 29.21 16.82
C GLY D 170 20.56 28.55 17.94
N VAL D 171 19.67 27.64 17.56
CA VAL D 171 18.80 26.98 18.54
C VAL D 171 18.92 25.45 18.49
N CYS D 172 18.88 24.82 19.66
CA CYS D 172 18.65 23.38 19.72
C CYS D 172 17.97 23.00 21.03
N THR D 173 16.90 22.22 20.92
CA THR D 173 16.17 21.71 22.07
C THR D 173 16.50 20.23 22.27
N ASP D 174 16.43 19.76 23.51
CA ASP D 174 16.68 18.35 23.81
C ASP D 174 15.75 17.46 23.00
N PRO D 175 16.32 16.49 22.28
CA PRO D 175 15.59 15.53 21.44
C PRO D 175 14.45 14.82 22.18
N GLN D 176 14.61 14.63 23.49
CA GLN D 176 13.55 14.05 24.30
C GLN D 176 13.63 14.54 25.75
N PRO D 177 12.48 14.70 26.41
CA PRO D 177 12.43 15.16 27.80
C PRO D 177 13.03 14.14 28.76
N LEU D 178 13.61 14.61 29.85
CA LEU D 178 14.14 13.71 30.87
C LEU D 178 13.18 13.61 32.06
N LYS D 179 13.18 12.47 32.72
CA LYS D 179 12.32 12.27 33.89
C LYS D 179 12.92 12.91 35.12
N GLU D 180 12.11 13.69 35.83
CA GLU D 180 12.54 14.32 37.07
C GLU D 180 12.75 13.27 38.15
N GLN D 181 12.08 12.13 37.99
CA GLN D 181 12.21 11.00 38.90
C GLN D 181 11.87 9.71 38.16
N PRO D 182 12.89 9.09 37.54
CA PRO D 182 12.78 7.93 36.65
C PRO D 182 12.04 6.72 37.25
N ALA D 183 12.09 6.58 38.57
CA ALA D 183 11.47 5.43 39.24
C ALA D 183 9.95 5.43 39.06
N LEU D 184 9.35 6.62 39.02
CA LEU D 184 7.91 6.74 38.92
C LEU D 184 7.40 6.47 37.51
N ASN D 185 6.26 5.78 37.42
CA ASN D 185 5.63 5.49 36.14
C ASN D 185 5.13 6.76 35.47
N ASP D 186 4.47 7.61 36.25
CA ASP D 186 3.91 8.86 35.74
C ASP D 186 4.74 10.05 36.17
N SER D 187 6.06 9.92 36.03
CA SER D 187 6.99 10.98 36.39
C SER D 187 6.82 12.21 35.50
N ARG D 188 6.81 13.38 36.12
CA ARG D 188 6.73 14.63 35.39
C ARG D 188 8.08 14.90 34.71
N TYR D 189 8.04 15.59 33.57
CA TYR D 189 9.21 15.73 32.71
C TYR D 189 9.86 17.12 32.81
N ALA D 190 11.08 17.20 32.30
CA ALA D 190 11.80 18.46 32.17
C ALA D 190 12.42 18.56 30.78
N LEU D 191 12.68 19.77 30.33
CA LEU D 191 13.19 20.00 28.99
C LEU D 191 14.03 21.27 28.90
N SER D 192 15.22 21.17 28.33
CA SER D 192 16.09 22.32 28.17
C SER D 192 16.29 22.66 26.70
N SER D 193 16.60 23.92 26.44
CA SER D 193 16.85 24.40 25.09
C SER D 193 17.81 25.59 25.15
N ARG D 194 18.62 25.74 24.11
CA ARG D 194 19.60 26.83 24.09
C ARG D 194 19.41 27.70 22.85
N LEU D 195 19.52 29.01 23.05
CA LEU D 195 19.56 29.97 21.94
C LEU D 195 20.84 30.78 22.03
N ARG D 196 21.68 30.68 21.01
CA ARG D 196 22.96 31.37 21.03
C ARG D 196 23.01 32.51 20.02
N VAL D 197 23.33 33.70 20.51
CA VAL D 197 23.49 34.86 19.67
C VAL D 197 24.90 35.42 19.84
N SER D 198 25.27 36.38 18.99
CA SER D 198 26.54 37.07 19.15
C SER D 198 26.51 37.91 20.42
N ALA D 199 27.67 38.27 20.94
CA ALA D 199 27.75 39.10 22.14
C ALA D 199 27.12 40.47 21.91
N THR D 200 27.45 41.08 20.77
CA THR D 200 26.99 42.42 20.45
C THR D 200 25.46 42.50 20.32
N PHE D 201 24.82 41.37 20.05
CA PHE D 201 23.37 41.36 19.95
C PHE D 201 22.73 41.26 21.33
N TRP D 202 23.32 40.43 22.20
CA TRP D 202 22.82 40.29 23.57
C TRP D 202 23.07 41.57 24.37
N GLN D 203 24.13 42.29 24.03
CA GLN D 203 24.51 43.48 24.77
C GLN D 203 23.72 44.71 24.34
N ASN D 204 22.43 44.53 24.13
CA ASN D 204 21.55 45.59 23.67
C ASN D 204 20.23 45.55 24.44
N PRO D 205 19.98 46.56 25.27
CA PRO D 205 18.81 46.62 26.17
C PRO D 205 17.48 46.57 25.43
N ARG D 206 17.51 46.82 24.13
CA ARG D 206 16.28 46.92 23.36
C ARG D 206 15.89 45.58 22.77
N ASN D 207 16.82 44.63 22.81
CA ASN D 207 16.57 43.27 22.33
C ASN D 207 15.85 42.42 23.36
N HIS D 208 14.72 41.86 22.94
CA HIS D 208 13.85 41.08 23.82
C HIS D 208 13.89 39.60 23.47
N PHE D 209 14.15 38.76 24.48
CA PHE D 209 14.25 37.32 24.28
C PHE D 209 13.18 36.58 25.07
N ARG D 210 12.35 35.82 24.38
CA ARG D 210 11.26 35.10 25.03
C ARG D 210 11.25 33.62 24.66
N CYS D 211 11.18 32.78 25.68
CA CYS D 211 11.07 31.33 25.48
C CYS D 211 9.64 30.88 25.68
N GLN D 212 9.03 30.37 24.62
CA GLN D 212 7.62 29.96 24.66
C GLN D 212 7.48 28.45 24.60
N VAL D 213 6.71 27.90 25.53
CA VAL D 213 6.44 26.46 25.54
C VAL D 213 4.94 26.21 25.39
N GLN D 214 4.56 25.65 24.23
CA GLN D 214 3.18 25.25 24.02
C GLN D 214 2.92 23.93 24.74
N PHE D 215 1.90 23.92 25.58
CA PHE D 215 1.55 22.72 26.33
C PHE D 215 0.19 22.20 25.89
N TYR D 216 0.13 20.91 25.56
CA TYR D 216 -1.12 20.27 25.19
C TYR D 216 -1.67 19.48 26.36
N GLY D 217 -2.89 19.80 26.78
CA GLY D 217 -3.50 19.14 27.91
C GLY D 217 -5.00 18.97 27.77
N LEU D 218 -5.72 19.33 28.81
CA LEU D 218 -7.18 19.18 28.83
C LEU D 218 -7.86 20.30 28.07
N SER D 219 -9.08 20.05 27.61
CA SER D 219 -9.86 21.08 26.97
C SER D 219 -10.90 21.64 27.95
N GLU D 220 -11.79 22.49 27.45
CA GLU D 220 -12.86 23.03 28.27
C GLU D 220 -14.00 22.00 28.33
N ASN D 221 -13.99 21.08 27.38
CA ASN D 221 -14.98 20.00 27.33
C ASN D 221 -14.69 18.94 28.38
N ASP D 222 -13.40 18.67 28.58
CA ASP D 222 -12.96 17.69 29.58
C ASP D 222 -13.35 18.13 30.99
N GLU D 223 -13.82 17.17 31.78
CA GLU D 223 -14.29 17.45 33.13
C GLU D 223 -13.14 17.45 34.13
N TRP D 224 -13.11 18.46 34.99
CA TRP D 224 -12.06 18.58 36.01
C TRP D 224 -12.66 18.80 37.39
N THR D 225 -12.47 17.83 38.27
CA THR D 225 -13.03 17.89 39.62
C THR D 225 -11.94 17.79 40.68
N GLN D 226 -11.01 18.74 40.66
CA GLN D 226 -9.96 18.78 41.67
C GLN D 226 -9.75 20.19 42.22
N ASP D 227 -8.77 20.33 43.11
CA ASP D 227 -8.55 21.57 43.83
C ASP D 227 -7.68 22.57 43.06
N ARG D 228 -6.55 22.10 42.55
CA ARG D 228 -5.62 22.98 41.84
C ARG D 228 -6.18 23.44 40.49
N ALA D 229 -5.39 24.22 39.77
CA ALA D 229 -5.82 24.75 38.48
C ALA D 229 -5.96 23.64 37.43
N LYS D 230 -7.00 23.77 36.61
CA LYS D 230 -7.26 22.83 35.53
C LYS D 230 -6.12 22.87 34.51
N PRO D 231 -5.37 21.78 34.39
CA PRO D 231 -4.20 21.71 33.51
C PRO D 231 -4.59 21.70 32.04
N VAL D 232 -5.17 22.80 31.58
CA VAL D 232 -5.63 22.92 30.21
C VAL D 232 -4.50 23.21 29.24
N THR D 233 -4.79 23.08 27.95
CA THR D 233 -3.86 23.48 26.89
C THR D 233 -3.51 24.94 27.06
N GLN D 234 -2.22 25.24 27.13
CA GLN D 234 -1.79 26.60 27.45
C GLN D 234 -0.34 26.90 27.02
N ILE D 235 -0.03 28.18 26.93
CA ILE D 235 1.34 28.61 26.63
C ILE D 235 1.98 29.24 27.86
N VAL D 236 3.11 28.67 28.27
CA VAL D 236 3.87 29.23 29.38
C VAL D 236 5.18 29.81 28.86
N SER D 237 5.50 31.02 29.30
CA SER D 237 6.65 31.73 28.75
C SER D 237 7.60 32.27 29.82
N ALA D 238 8.79 32.65 29.39
CA ALA D 238 9.76 33.33 30.24
C ALA D 238 10.56 34.29 29.38
N GLU D 239 10.83 35.47 29.91
CA GLU D 239 11.44 36.53 29.11
C GLU D 239 12.81 36.96 29.65
N ALA D 240 13.50 37.76 28.84
CA ALA D 240 14.78 38.34 29.22
C ALA D 240 15.13 39.46 28.25
N TRP D 241 15.64 40.56 28.79
CA TRP D 241 16.09 41.66 27.94
C TRP D 241 17.60 41.68 27.87
N GLY D 242 18.13 42.30 26.83
CA GLY D 242 19.58 42.41 26.67
C GLY D 242 20.21 43.26 27.74
N ARG D 243 21.51 43.07 27.95
CA ARG D 243 22.26 43.82 28.95
C ARG D 243 23.58 44.32 28.36
N ALA D 244 23.77 45.63 28.38
CA ALA D 244 25.00 46.22 27.86
C ALA D 244 26.20 45.87 28.76
N ASP D 245 25.98 45.97 30.07
CA ASP D 245 27.01 45.66 31.07
C ASP D 245 28.34 46.36 30.80
N PRO E 3 1.72 -25.05 1.63
CA PRO E 3 2.20 -23.69 1.38
C PRO E 3 1.84 -23.19 -0.02
N ALA E 4 0.64 -22.61 -0.15
CA ALA E 4 0.18 -22.10 -1.43
C ALA E 4 0.68 -20.69 -1.69
N ASP E 5 1.25 -20.45 -2.87
CA ASP E 5 1.82 -19.15 -3.21
C ASP E 5 0.74 -18.12 -3.54
N PRO E 6 0.74 -17.01 -2.81
CA PRO E 6 -0.22 -15.92 -3.06
C PRO E 6 -0.05 -15.30 -4.44
N LEU E 7 -1.16 -15.09 -5.14
CA LEU E 7 -1.15 -14.48 -6.45
C LEU E 7 -1.14 -12.96 -6.37
N ALA E 8 -0.46 -12.34 -7.33
CA ALA E 8 -0.51 -10.89 -7.49
C ALA E 8 -1.64 -10.55 -8.45
N PHE E 9 -2.09 -9.29 -8.43
CA PHE E 9 -3.19 -8.89 -9.28
C PHE E 9 -3.07 -7.43 -9.68
N PHE E 10 -3.89 -7.01 -10.63
CA PHE E 10 -3.87 -5.63 -11.09
C PHE E 10 -4.86 -4.78 -10.31
N SER E 11 -4.34 -3.80 -9.57
CA SER E 11 -5.18 -2.88 -8.82
C SER E 11 -5.71 -1.80 -9.74
N SER E 12 -7.03 -1.62 -9.75
CA SER E 12 -7.66 -0.71 -10.68
C SER E 12 -7.32 0.75 -10.35
N ALA E 13 -7.50 1.63 -11.33
CA ALA E 13 -7.10 3.02 -11.18
C ALA E 13 -8.29 3.96 -11.29
N ILE E 14 -8.21 5.07 -10.56
CA ILE E 14 -9.26 6.08 -10.56
C ILE E 14 -9.12 7.00 -11.76
N LYS E 15 -10.20 7.17 -12.50
CA LYS E 15 -10.22 8.11 -13.62
C LYS E 15 -11.13 9.30 -13.29
N GLY E 16 -10.73 10.49 -13.72
CA GLY E 16 -11.42 11.71 -13.34
C GLY E 16 -12.43 12.21 -14.35
N GLY E 17 -13.29 13.12 -13.91
CA GLY E 17 -14.30 13.71 -14.79
C GLY E 17 -13.84 15.05 -15.33
N GLY E 18 -14.80 15.90 -15.66
CA GLY E 18 -14.49 17.24 -16.13
C GLY E 18 -14.46 17.37 -17.65
N GLY E 19 -14.65 16.25 -18.33
CA GLY E 19 -14.65 16.24 -19.79
C GLY E 19 -15.89 15.56 -20.33
N SER E 20 -16.46 16.11 -21.40
CA SER E 20 -17.67 15.56 -21.99
C SER E 20 -17.56 15.38 -23.49
N LEU E 21 -18.37 14.49 -24.04
CA LEU E 21 -18.39 14.26 -25.48
C LEU E 21 -19.83 14.30 -26.01
N VAL E 22 -20.00 14.73 -27.25
CA VAL E 22 -21.31 14.80 -27.87
C VAL E 22 -21.94 13.42 -28.04
C1 NAG F . 11.95 -20.67 -25.15
C2 NAG F . 13.08 -20.91 -26.19
C3 NAG F . 14.12 -21.91 -25.66
C4 NAG F . 14.63 -21.38 -24.33
C5 NAG F . 13.46 -21.38 -23.37
C6 NAG F . 13.81 -20.98 -21.96
C7 NAG F . 11.94 -20.52 -28.33
C8 NAG F . 11.41 -21.14 -29.59
N2 NAG F . 12.52 -21.35 -27.46
O3 NAG F . 15.18 -22.09 -26.60
O4 NAG F . 15.79 -21.98 -23.74
O5 NAG F . 12.52 -20.41 -23.85
O6 NAG F . 12.66 -20.53 -21.28
O7 NAG F . 11.85 -19.30 -28.12
C1 FUC F . 14.90 -23.27 -27.41
C2 FUC F . 15.11 -22.95 -28.90
C3 FUC F . 16.59 -22.94 -29.22
C4 FUC F . 17.18 -24.32 -28.92
C5 FUC F . 16.93 -24.68 -27.44
C6 FUC F . 17.24 -26.13 -27.12
O2 FUC F . 14.51 -21.72 -29.29
O3 FUC F . 16.79 -22.66 -30.61
O4 FUC F . 16.59 -25.30 -29.77
O5 FUC F . 15.55 -24.46 -27.00
C1 NAG F . 16.32 -23.28 -24.01
C2 NAG F . 17.80 -22.91 -24.19
C3 NAG F . 18.70 -24.13 -24.06
C4 NAG F . 18.43 -24.85 -22.74
C5 NAG F . 16.95 -25.22 -22.69
C6 NAG F . 16.57 -25.88 -21.39
C7 NAG F . 18.00 -20.93 -25.63
C8 NAG F . 18.23 -20.43 -27.03
N2 NAG F . 18.02 -22.26 -25.47
O3 NAG F . 20.06 -23.73 -24.11
O4 NAG F . 19.23 -26.01 -22.62
O5 NAG F . 16.15 -24.03 -22.79
O6 NAG F . 15.35 -25.34 -20.87
O7 NAG F . 17.80 -20.16 -24.69
C1 FUC F . 12.50 -21.25 -20.05
C2 FUC F . 12.40 -20.19 -18.97
C3 FUC F . 11.16 -19.34 -19.22
C4 FUC F . 9.90 -20.24 -19.19
C5 FUC F . 10.06 -21.44 -20.14
C6 FUC F . 9.04 -22.53 -19.87
O2 FUC F . 13.56 -19.39 -18.93
O3 FUC F . 11.03 -18.34 -18.22
O4 FUC F . 9.64 -20.67 -17.87
O5 FUC F . 11.37 -22.08 -20.05
C1 NAG G . -35.85 -16.80 -15.57
C2 NAG G . -36.65 -15.73 -14.82
C3 NAG G . -37.54 -16.38 -13.77
C4 NAG G . -38.42 -17.45 -14.41
C5 NAG G . -37.56 -18.45 -15.19
C6 NAG G . -38.38 -19.45 -15.96
C7 NAG G . -35.44 -13.59 -14.81
C8 NAG G . -34.52 -12.70 -14.04
N2 NAG G . -35.76 -14.75 -14.21
O3 NAG G . -38.35 -15.39 -13.15
O4 NAG G . -39.15 -18.15 -13.41
O5 NAG G . -36.76 -17.74 -16.16
O6 NAG G . -38.11 -19.40 -17.35
O7 NAG G . -35.88 -13.29 -15.92
C1 NAG H . 19.24 -8.81 2.51
C2 NAG H . 19.79 -8.78 3.93
C3 NAG H . 21.32 -8.72 3.91
C4 NAG H . 21.87 -9.88 3.09
C5 NAG H . 21.24 -9.89 1.70
C6 NAG H . 21.65 -11.06 0.85
C7 NAG H . 18.39 -7.77 5.69
C8 NAG H . 17.92 -6.50 6.32
N2 NAG H . 19.26 -7.64 4.67
O3 NAG H . 21.81 -8.80 5.24
O4 NAG H . 23.28 -9.79 2.98
O5 NAG H . 19.81 -9.93 1.81
O6 NAG H . 21.00 -12.26 1.25
O7 NAG H . 18.01 -8.87 6.07
C1 NAG I . 29.93 7.64 23.12
C2 NAG I . 31.20 6.82 22.86
C3 NAG I . 31.00 5.88 21.67
C4 NAG I . 29.76 5.02 21.88
C5 NAG I . 28.55 5.91 22.12
C6 NAG I . 27.29 5.14 22.41
C7 NAG I . 33.34 7.84 23.51
C8 NAG I . 34.44 8.77 23.10
N2 NAG I . 32.35 7.69 22.63
O3 NAG I . 32.15 5.05 21.52
O4 NAG I . 29.53 4.20 20.74
O5 NAG I . 28.81 6.75 23.26
O6 NAG I . 26.22 6.01 22.77
O7 NAG I . 33.35 7.26 24.59
#